data_2PKF
#
_entry.id   2PKF
#
_cell.length_a   114.272
_cell.length_b   75.184
_cell.length_c   94.730
_cell.angle_alpha   90.00
_cell.angle_beta   121.05
_cell.angle_gamma   90.00
#
_symmetry.space_group_name_H-M   'C 1 2 1'
#
loop_
_entity.id
_entity.type
_entity.pdbx_description
1 polymer 'Adenosine kinase'
2 water water
#
_entity_poly.entity_id   1
_entity_poly.type   'polypeptide(L)'
_entity_poly.pdbx_seq_one_letter_code
;GTEDLYFQSHMTIAVTGSIATDHLMRFPGRFSEQLLPEHLHKVSLSFLVDDLVMHRGGVAGNMAFAIGVLGGEVALVGAA
GADFADYRDWLKARGVNCDHVLISETAHTARFTCTTDVDMAQIASFYPGAMSEARNIKLADVVSAIGKPELVIIGANDPE
AMFLHTEECRKLGLAFAADPSQQLARLSGEEIRRLVNGAAYLFTNDYEWDLLLSKTGWSEADVMAQIDLRVTTLGPKGVD
LVEPDGTTIHVGVVPETSQTDPTGVGDAFRAGFLTGRSAGLGLERSAQLGSLVAVLVLESTGTQEWQWDYEAAASRLAGA
YGEHAAAEIVAVLA
;
_entity_poly.pdbx_strand_id   A,B
#
# COMPACT_ATOMS: atom_id res chain seq x y z
N GLU A 3 -2.48 -43.53 -5.39
CA GLU A 3 -1.68 -42.79 -6.41
C GLU A 3 -2.09 -43.16 -7.84
N ASP A 4 -2.68 -42.20 -8.55
CA ASP A 4 -3.19 -42.43 -9.89
C ASP A 4 -2.03 -42.36 -10.89
N LEU A 5 -1.61 -43.53 -11.40
CA LEU A 5 -0.53 -43.60 -12.38
C LEU A 5 -1.02 -43.91 -13.79
N TYR A 6 -2.10 -44.69 -13.89
CA TYR A 6 -2.55 -45.21 -15.19
C TYR A 6 -3.71 -44.44 -15.80
N PHE A 7 -4.30 -43.51 -15.04
CA PHE A 7 -5.53 -42.83 -15.46
C PHE A 7 -5.41 -41.33 -15.27
N GLN A 8 -4.24 -40.78 -15.57
CA GLN A 8 -4.01 -39.36 -15.32
C GLN A 8 -4.79 -38.47 -16.30
N SER A 9 -5.08 -37.26 -15.82
CA SER A 9 -5.70 -36.21 -16.62
C SER A 9 -4.78 -35.73 -17.74
N HIS A 10 -5.39 -35.22 -18.80
CA HIS A 10 -4.68 -34.94 -20.03
C HIS A 10 -4.37 -33.48 -20.25
N MET A 11 -5.27 -32.60 -19.85
CA MET A 11 -5.11 -31.16 -20.11
C MET A 11 -5.78 -30.29 -19.06
N THR A 12 -5.63 -30.68 -17.80
CA THR A 12 -6.36 -30.06 -16.69
C THR A 12 -5.68 -28.79 -16.18
N ILE A 13 -6.47 -27.73 -16.09
CA ILE A 13 -6.03 -26.51 -15.45
C ILE A 13 -6.58 -26.55 -14.03
N ALA A 14 -5.70 -26.49 -13.04
CA ALA A 14 -6.12 -26.42 -11.64
C ALA A 14 -6.14 -24.94 -11.25
N VAL A 15 -7.29 -24.43 -10.85
CA VAL A 15 -7.42 -23.00 -10.55
C VAL A 15 -7.39 -22.78 -9.04
N THR A 16 -6.34 -22.13 -8.53
CA THR A 16 -6.31 -21.76 -7.11
C THR A 16 -6.63 -20.27 -7.00
N GLY A 17 -7.26 -19.90 -5.89
CA GLY A 17 -7.64 -18.51 -5.68
C GLY A 17 -8.88 -18.44 -4.84
N SER A 18 -9.40 -17.23 -4.71
CA SER A 18 -10.55 -17.01 -3.85
C SER A 18 -11.85 -17.45 -4.46
N ILE A 19 -12.71 -17.99 -3.58
CA ILE A 19 -14.09 -18.40 -3.86
C ILE A 19 -14.97 -17.54 -2.95
N ALA A 20 -15.78 -16.66 -3.52
CA ALA A 20 -16.61 -15.80 -2.68
C ALA A 20 -17.97 -15.57 -3.31
N THR A 21 -18.85 -14.88 -2.58
CA THR A 21 -20.05 -14.31 -3.20
C THR A 21 -20.11 -12.83 -2.86
N ASP A 22 -20.84 -12.11 -3.69
CA ASP A 22 -21.02 -10.67 -3.56
C ASP A 22 -22.50 -10.39 -3.37
N HIS A 23 -22.82 -9.70 -2.28
CA HIS A 23 -24.20 -9.37 -1.95
C HIS A 23 -24.35 -7.85 -2.04
N LEU A 24 -25.07 -7.39 -3.06
CA LEU A 24 -25.13 -5.99 -3.44
C LEU A 24 -26.54 -5.47 -3.20
N MET A 25 -26.63 -4.42 -2.39
CA MET A 25 -27.92 -3.85 -2.02
C MET A 25 -27.99 -2.39 -2.39
N ARG A 26 -29.20 -1.93 -2.67
CA ARG A 26 -29.44 -0.57 -3.08
C ARG A 26 -30.26 0.15 -2.02
N PHE A 27 -29.76 1.31 -1.59
CA PHE A 27 -30.51 2.17 -0.67
C PHE A 27 -31.06 3.33 -1.49
N PRO A 28 -32.39 3.45 -1.59
CA PRO A 28 -33.00 4.47 -2.47
C PRO A 28 -32.75 5.94 -2.06
N GLY A 29 -32.36 6.16 -0.82
CA GLY A 29 -32.15 7.52 -0.31
C GLY A 29 -30.68 7.90 -0.29
N ARG A 30 -30.35 8.81 0.61
CA ARG A 30 -28.97 9.24 0.83
C ARG A 30 -28.51 8.76 2.20
N PHE A 31 -27.37 8.09 2.27
CA PHE A 31 -26.80 7.73 3.58
C PHE A 31 -26.59 8.97 4.48
N SER A 32 -26.32 10.12 3.85
CA SER A 32 -26.07 11.36 4.59
C SER A 32 -27.24 11.75 5.48
N GLU A 33 -28.45 11.36 5.10
CA GLU A 33 -29.62 11.69 5.90
C GLU A 33 -29.50 11.20 7.36
N GLN A 34 -29.01 9.96 7.55
CA GLN A 34 -28.78 9.45 8.90
C GLN A 34 -27.40 9.80 9.43
N LEU A 35 -26.43 9.98 8.54
CA LEU A 35 -25.06 10.26 8.99
C LEU A 35 -24.83 11.66 9.53
N LEU A 36 -25.46 12.65 8.91
CA LEU A 36 -25.27 14.04 9.30
C LEU A 36 -25.64 14.31 10.78
N PRO A 37 -26.82 13.85 11.23
CA PRO A 37 -27.17 14.02 12.65
C PRO A 37 -26.54 13.02 13.63
N GLU A 38 -25.70 12.12 13.14
CA GLU A 38 -25.16 11.02 13.93
C GLU A 38 -24.02 11.42 14.86
N HIS A 39 -23.87 10.70 15.96
CA HIS A 39 -22.71 10.81 16.83
C HIS A 39 -21.71 9.75 16.40
N LEU A 40 -20.64 10.19 15.73
CA LEU A 40 -19.75 9.27 15.02
C LEU A 40 -18.94 8.30 15.86
N HIS A 41 -18.80 8.58 17.15
CA HIS A 41 -18.06 7.69 18.04
C HIS A 41 -18.85 6.48 18.54
N LYS A 42 -20.14 6.45 18.25
CA LYS A 42 -20.92 5.22 18.40
C LYS A 42 -22.16 5.30 17.54
N VAL A 43 -22.04 4.94 16.27
CA VAL A 43 -23.17 5.07 15.36
C VAL A 43 -24.24 4.01 15.60
N SER A 44 -25.46 4.34 15.19
CA SER A 44 -26.55 3.40 15.11
C SER A 44 -27.29 3.71 13.81
N LEU A 45 -26.86 3.05 12.73
CA LEU A 45 -27.37 3.31 11.39
C LEU A 45 -28.17 2.12 10.90
N SER A 46 -29.35 2.38 10.33
CA SER A 46 -30.22 1.31 9.87
C SER A 46 -30.90 1.70 8.56
N PHE A 47 -30.52 1.02 7.48
CA PHE A 47 -30.94 1.39 6.13
C PHE A 47 -31.94 0.41 5.55
N LEU A 48 -33.11 0.92 5.21
CA LEU A 48 -34.12 0.14 4.53
C LEU A 48 -33.78 0.11 3.04
N VAL A 49 -33.35 -1.04 2.56
CA VAL A 49 -32.91 -1.16 1.18
C VAL A 49 -34.04 -1.74 0.32
N ASP A 50 -33.94 -1.60 -1.00
CA ASP A 50 -35.05 -2.03 -1.86
C ASP A 50 -34.65 -2.98 -2.98
N ASP A 51 -33.43 -3.50 -2.91
CA ASP A 51 -32.93 -4.44 -3.90
C ASP A 51 -31.78 -5.20 -3.29
N LEU A 52 -31.70 -6.49 -3.62
CA LEU A 52 -30.58 -7.35 -3.25
C LEU A 52 -30.24 -8.23 -4.44
N VAL A 53 -28.98 -8.15 -4.87
CA VAL A 53 -28.45 -8.98 -5.93
C VAL A 53 -27.29 -9.80 -5.36
N MET A 54 -27.28 -11.09 -5.63
CA MET A 54 -26.20 -11.96 -5.18
C MET A 54 -25.50 -12.52 -6.39
N HIS A 55 -24.18 -12.39 -6.40
CA HIS A 55 -23.35 -12.91 -7.49
C HIS A 55 -22.33 -13.90 -6.98
N ARG A 56 -22.22 -15.03 -7.67
CA ARG A 56 -21.16 -16.00 -7.43
C ARG A 56 -19.84 -15.45 -7.95
N GLY A 57 -18.79 -15.64 -7.16
CA GLY A 57 -17.52 -15.00 -7.47
C GLY A 57 -16.30 -15.60 -6.80
N GLY A 58 -15.37 -14.72 -6.47
CA GLY A 58 -14.00 -15.13 -6.20
C GLY A 58 -13.26 -15.31 -7.52
N VAL A 59 -11.98 -14.98 -7.56
CA VAL A 59 -11.26 -15.06 -8.86
C VAL A 59 -11.17 -16.50 -9.35
N ALA A 60 -10.99 -17.45 -8.43
CA ALA A 60 -10.88 -18.83 -8.85
C ALA A 60 -12.22 -19.39 -9.32
N GLY A 61 -13.28 -19.03 -8.62
CA GLY A 61 -14.64 -19.41 -9.06
C GLY A 61 -14.91 -18.87 -10.47
N ASN A 62 -14.61 -17.60 -10.69
CA ASN A 62 -14.85 -16.99 -12.00
C ASN A 62 -14.05 -17.67 -13.10
N MET A 63 -12.77 -17.87 -12.85
CA MET A 63 -11.92 -18.50 -13.89
C MET A 63 -12.34 -19.95 -14.16
N ALA A 64 -12.62 -20.70 -13.10
CA ALA A 64 -13.04 -22.09 -13.28
C ALA A 64 -14.37 -22.18 -14.03
N PHE A 65 -15.33 -21.33 -13.66
CA PHE A 65 -16.60 -21.26 -14.38
C PHE A 65 -16.36 -21.09 -15.88
N ALA A 66 -15.54 -20.10 -16.24
CA ALA A 66 -15.34 -19.79 -17.66
C ALA A 66 -14.66 -20.93 -18.40
N ILE A 67 -13.64 -21.53 -17.80
CA ILE A 67 -12.95 -22.65 -18.47
C ILE A 67 -13.94 -23.78 -18.68
N GLY A 68 -14.76 -24.05 -17.67
CA GLY A 68 -15.79 -25.10 -17.77
C GLY A 68 -16.78 -24.85 -18.90
N VAL A 69 -17.33 -23.63 -18.93
CA VAL A 69 -18.29 -23.25 -19.97
C VAL A 69 -17.71 -23.45 -21.37
N LEU A 70 -16.43 -23.11 -21.52
CA LEU A 70 -15.74 -23.20 -22.81
C LEU A 70 -15.36 -24.62 -23.19
N GLY A 71 -15.63 -25.57 -22.30
CA GLY A 71 -15.34 -26.98 -22.59
C GLY A 71 -13.96 -27.46 -22.17
N GLY A 72 -13.23 -26.62 -21.45
CA GLY A 72 -11.91 -27.02 -20.93
C GLY A 72 -12.01 -28.02 -19.77
N GLU A 73 -10.89 -28.67 -19.48
CA GLU A 73 -10.76 -29.55 -18.33
C GLU A 73 -10.23 -28.72 -17.17
N VAL A 74 -10.98 -28.67 -16.07
CA VAL A 74 -10.67 -27.74 -15.00
C VAL A 74 -11.08 -28.27 -13.65
N ALA A 75 -10.21 -28.00 -12.67
CA ALA A 75 -10.44 -28.32 -11.28
C ALA A 75 -10.28 -27.04 -10.45
N LEU A 76 -11.30 -26.75 -9.66
CA LEU A 76 -11.28 -25.62 -8.73
C LEU A 76 -10.63 -26.06 -7.42
N VAL A 77 -9.61 -25.31 -6.99
CA VAL A 77 -8.83 -25.66 -5.81
C VAL A 77 -8.75 -24.43 -4.91
N GLY A 78 -9.70 -24.33 -3.99
CA GLY A 78 -9.77 -23.22 -3.05
C GLY A 78 -10.58 -23.63 -1.83
N ALA A 79 -10.74 -22.71 -0.89
CA ALA A 79 -11.42 -23.02 0.37
C ALA A 79 -12.75 -22.28 0.48
N ALA A 80 -13.76 -22.99 0.94
CA ALA A 80 -15.10 -22.44 1.05
C ALA A 80 -15.76 -23.03 2.29
N GLY A 81 -16.97 -22.58 2.59
CA GLY A 81 -17.72 -23.11 3.73
C GLY A 81 -18.77 -24.10 3.28
N ALA A 82 -19.49 -24.67 4.24
CA ALA A 82 -20.57 -25.61 3.92
C ALA A 82 -21.64 -24.99 3.02
N ASP A 83 -21.83 -23.67 3.15
CA ASP A 83 -22.77 -22.93 2.31
C ASP A 83 -22.36 -22.85 0.83
N PHE A 84 -21.21 -23.42 0.49
CA PHE A 84 -20.75 -23.54 -0.91
C PHE A 84 -21.57 -24.54 -1.72
N ALA A 85 -22.39 -25.37 -1.04
CA ALA A 85 -23.10 -26.47 -1.71
C ALA A 85 -23.82 -26.09 -3.00
N ASP A 86 -24.60 -25.01 -2.99
CA ASP A 86 -25.34 -24.62 -4.20
C ASP A 86 -24.39 -24.11 -5.29
N TYR A 87 -23.33 -23.44 -4.88
CA TYR A 87 -22.31 -22.92 -5.80
C TYR A 87 -21.56 -24.12 -6.43
N ARG A 88 -21.24 -25.12 -5.62
CA ARG A 88 -20.67 -26.38 -6.13
C ARG A 88 -21.55 -26.99 -7.22
N ASP A 89 -22.85 -27.08 -7.00
CA ASP A 89 -23.74 -27.67 -8.01
C ASP A 89 -23.76 -26.84 -9.29
N TRP A 90 -23.74 -25.52 -9.13
CA TRP A 90 -23.68 -24.59 -10.26
C TRP A 90 -22.45 -24.85 -11.11
N LEU A 91 -21.30 -25.02 -10.46
CA LEU A 91 -20.04 -25.23 -11.16
C LEU A 91 -19.94 -26.60 -11.82
N LYS A 92 -20.39 -27.63 -11.09
CA LYS A 92 -20.35 -28.99 -11.63
C LYS A 92 -21.20 -29.08 -12.91
N ALA A 93 -22.29 -28.34 -12.96
CA ALA A 93 -23.17 -28.32 -14.14
C ALA A 93 -22.49 -27.72 -15.37
N ARG A 94 -21.42 -26.94 -15.14
CA ARG A 94 -20.63 -26.37 -16.22
C ARG A 94 -19.32 -27.14 -16.43
N GLY A 95 -19.22 -28.35 -15.85
CA GLY A 95 -18.06 -29.21 -16.06
C GLY A 95 -16.86 -28.96 -15.16
N VAL A 96 -17.04 -28.18 -14.09
CA VAL A 96 -15.93 -27.91 -13.17
C VAL A 96 -15.82 -29.02 -12.13
N ASN A 97 -14.62 -29.60 -12.03
CA ASN A 97 -14.33 -30.55 -10.98
C ASN A 97 -14.09 -29.81 -9.66
N CYS A 98 -14.90 -30.11 -8.64
CA CYS A 98 -14.80 -29.45 -7.35
C CYS A 98 -14.35 -30.39 -6.24
N ASP A 99 -13.75 -31.52 -6.63
CA ASP A 99 -13.32 -32.54 -5.67
C ASP A 99 -12.31 -32.03 -4.65
N HIS A 100 -11.57 -30.98 -5.04
CA HIS A 100 -10.45 -30.49 -4.25
C HIS A 100 -10.71 -29.13 -3.65
N VAL A 101 -11.99 -28.74 -3.60
CA VAL A 101 -12.37 -27.60 -2.79
C VAL A 101 -12.37 -28.05 -1.32
N LEU A 102 -11.64 -27.34 -0.49
CA LEU A 102 -11.63 -27.56 0.94
C LEU A 102 -12.86 -26.91 1.57
N ILE A 103 -13.62 -27.68 2.35
CA ILE A 103 -14.81 -27.16 3.02
C ILE A 103 -14.52 -27.01 4.51
N SER A 104 -14.58 -25.77 4.98
CA SER A 104 -14.33 -25.47 6.40
C SER A 104 -15.37 -26.12 7.30
N GLU A 105 -14.91 -26.56 8.47
CA GLU A 105 -15.83 -27.07 9.49
C GLU A 105 -16.49 -25.95 10.30
N THR A 106 -15.95 -24.74 10.23
CA THR A 106 -16.39 -23.66 11.12
C THR A 106 -16.80 -22.35 10.40
N ALA A 107 -16.09 -22.00 9.33
CA ALA A 107 -16.29 -20.72 8.69
C ALA A 107 -17.16 -20.84 7.45
N HIS A 108 -17.85 -19.76 7.11
CA HIS A 108 -18.65 -19.69 5.92
C HIS A 108 -17.80 -19.29 4.71
N THR A 109 -18.36 -19.50 3.53
CA THR A 109 -17.73 -19.01 2.29
C THR A 109 -17.49 -17.49 2.41
N ALA A 110 -16.35 -17.03 1.92
CA ALA A 110 -16.04 -15.60 1.91
C ALA A 110 -17.15 -14.77 1.28
N ARG A 111 -17.36 -13.56 1.77
CA ARG A 111 -18.44 -12.71 1.28
C ARG A 111 -18.09 -11.23 1.31
N PHE A 112 -18.39 -10.56 0.20
CA PHE A 112 -18.34 -9.10 0.06
C PHE A 112 -19.78 -8.63 0.08
N THR A 113 -20.08 -7.66 0.94
CA THR A 113 -21.42 -7.09 1.02
C THR A 113 -21.27 -5.59 0.80
N CYS A 114 -22.08 -5.03 -0.08
CA CYS A 114 -21.97 -3.61 -0.38
C CYS A 114 -23.33 -3.00 -0.57
N THR A 115 -23.59 -1.90 0.14
CA THR A 115 -24.81 -1.13 -0.04
C THR A 115 -24.47 0.23 -0.63
N THR A 116 -25.15 0.57 -1.71
CA THR A 116 -24.90 1.79 -2.48
C THR A 116 -26.14 2.68 -2.44
N ASP A 117 -25.93 3.97 -2.19
CA ASP A 117 -27.04 4.93 -2.15
C ASP A 117 -27.24 5.69 -3.48
N VAL A 118 -28.19 6.62 -3.49
CA VAL A 118 -28.59 7.31 -4.73
C VAL A 118 -27.45 8.16 -5.33
N ASP A 119 -26.53 8.61 -4.47
CA ASP A 119 -25.39 9.44 -4.89
C ASP A 119 -24.11 8.63 -5.07
N MET A 120 -24.26 7.30 -5.03
CA MET A 120 -23.16 6.33 -5.19
C MET A 120 -22.18 6.28 -4.01
N ALA A 121 -22.64 6.77 -2.86
CA ALA A 121 -21.95 6.49 -1.59
C ALA A 121 -22.07 4.99 -1.33
N GLN A 122 -21.08 4.45 -0.64
CA GLN A 122 -21.03 3.00 -0.41
C GLN A 122 -20.61 2.66 0.99
N ILE A 123 -21.25 1.63 1.55
CA ILE A 123 -20.86 1.06 2.81
C ILE A 123 -20.76 -0.45 2.62
N ALA A 124 -19.57 -0.99 2.85
CA ALA A 124 -19.26 -2.37 2.48
C ALA A 124 -18.58 -3.14 3.60
N SER A 125 -18.70 -4.46 3.51
CA SER A 125 -17.95 -5.34 4.40
C SER A 125 -17.29 -6.45 3.61
N PHE A 126 -16.16 -6.91 4.13
CA PHE A 126 -15.44 -8.05 3.58
C PHE A 126 -15.28 -9.07 4.68
N TYR A 127 -15.85 -10.26 4.46
CA TYR A 127 -15.73 -11.39 5.38
C TYR A 127 -14.89 -12.49 4.73
N PRO A 128 -13.62 -12.66 5.17
CA PRO A 128 -12.79 -13.69 4.51
C PRO A 128 -13.23 -15.13 4.78
N GLY A 129 -13.79 -15.40 5.97
CA GLY A 129 -14.30 -16.72 6.30
C GLY A 129 -13.34 -17.85 5.99
N ALA A 130 -13.84 -18.83 5.25
CA ALA A 130 -13.08 -20.02 4.92
C ALA A 130 -11.86 -19.77 4.04
N MET A 131 -11.79 -18.61 3.39
CA MET A 131 -10.66 -18.32 2.48
C MET A 131 -9.30 -18.51 3.17
N SER A 132 -9.24 -18.17 4.45
CA SER A 132 -8.01 -18.27 5.21
C SER A 132 -7.51 -19.71 5.36
N GLU A 133 -8.39 -20.68 5.12
CA GLU A 133 -7.98 -22.09 5.22
C GLU A 133 -7.40 -22.65 3.94
N ALA A 134 -7.35 -21.85 2.87
CA ALA A 134 -6.72 -22.30 1.63
C ALA A 134 -5.26 -22.67 1.83
N ARG A 135 -4.62 -22.05 2.84
CA ARG A 135 -3.24 -22.38 3.22
C ARG A 135 -3.06 -23.84 3.63
N ASN A 136 -4.17 -24.52 3.93
CA ASN A 136 -4.13 -25.93 4.34
C ASN A 136 -4.33 -26.90 3.20
N ILE A 137 -4.59 -26.38 2.00
CA ILE A 137 -4.72 -27.23 0.83
C ILE A 137 -3.35 -27.71 0.37
N LYS A 138 -3.26 -29.00 0.08
CA LYS A 138 -2.06 -29.57 -0.53
C LYS A 138 -2.28 -29.93 -1.99
N LEU A 139 -1.56 -29.25 -2.89
CA LEU A 139 -1.59 -29.60 -4.30
C LEU A 139 -1.13 -31.06 -4.53
N ALA A 140 -0.29 -31.58 -3.63
CA ALA A 140 0.09 -33.00 -3.71
C ALA A 140 -1.13 -33.92 -3.74
N ASP A 141 -2.21 -33.55 -3.02
CA ASP A 141 -3.45 -34.34 -3.05
C ASP A 141 -4.14 -34.31 -4.40
N VAL A 142 -4.07 -33.16 -5.09
CA VAL A 142 -4.60 -33.08 -6.43
C VAL A 142 -3.81 -34.00 -7.34
N VAL A 143 -2.48 -33.93 -7.25
CA VAL A 143 -1.61 -34.75 -8.09
C VAL A 143 -1.85 -36.26 -7.85
N SER A 144 -2.04 -36.65 -6.59
CA SER A 144 -2.35 -38.05 -6.29
C SER A 144 -3.64 -38.52 -6.97
N ALA A 145 -4.63 -37.65 -7.03
CA ALA A 145 -5.93 -38.00 -7.56
C ALA A 145 -6.01 -38.01 -9.09
N ILE A 146 -5.43 -36.99 -9.73
CA ILE A 146 -5.63 -36.80 -11.18
C ILE A 146 -4.34 -36.72 -11.98
N GLY A 147 -3.19 -36.88 -11.32
CA GLY A 147 -1.90 -36.66 -11.99
C GLY A 147 -1.56 -35.19 -12.00
N LYS A 148 -0.38 -34.86 -12.49
CA LYS A 148 0.01 -33.46 -12.60
C LYS A 148 -0.93 -32.68 -13.51
N PRO A 149 -1.50 -31.57 -13.01
CA PRO A 149 -2.21 -30.69 -13.94
C PRO A 149 -1.29 -30.11 -15.03
N GLU A 150 -1.89 -29.72 -16.15
CA GLU A 150 -1.16 -29.05 -17.21
C GLU A 150 -0.69 -27.65 -16.74
N LEU A 151 -1.49 -27.02 -15.88
CA LEU A 151 -1.17 -25.70 -15.35
C LEU A 151 -1.90 -25.51 -14.03
N VAL A 152 -1.23 -24.86 -13.08
CA VAL A 152 -1.87 -24.40 -11.86
C VAL A 152 -1.89 -22.88 -11.89
N ILE A 153 -3.09 -22.29 -11.84
CA ILE A 153 -3.22 -20.84 -11.73
C ILE A 153 -3.12 -20.43 -10.27
N ILE A 154 -2.17 -19.54 -9.95
CA ILE A 154 -2.04 -19.01 -8.58
C ILE A 154 -2.75 -17.66 -8.55
N GLY A 155 -4.07 -17.71 -8.35
CA GLY A 155 -4.86 -16.48 -8.31
C GLY A 155 -4.83 -15.77 -6.96
N ALA A 156 -5.36 -14.55 -6.93
CA ALA A 156 -5.52 -13.83 -5.67
C ALA A 156 -6.26 -14.72 -4.67
N ASN A 157 -5.79 -14.71 -3.42
CA ASN A 157 -6.21 -15.66 -2.40
C ASN A 157 -5.74 -15.13 -1.05
N ASP A 158 -5.99 -15.92 -0.01
CA ASP A 158 -5.24 -15.78 1.24
C ASP A 158 -3.74 -15.62 0.87
N PRO A 159 -3.07 -14.53 1.30
CA PRO A 159 -1.66 -14.38 0.93
C PRO A 159 -0.78 -15.58 1.24
N GLU A 160 -0.94 -16.20 2.40
CA GLU A 160 -0.10 -17.35 2.73
C GLU A 160 -0.34 -18.52 1.77
N ALA A 161 -1.59 -18.73 1.39
CA ALA A 161 -1.93 -19.76 0.41
C ALA A 161 -1.24 -19.48 -0.94
N MET A 162 -1.21 -18.22 -1.37
CA MET A 162 -0.54 -17.90 -2.62
C MET A 162 0.93 -18.31 -2.57
N PHE A 163 1.59 -18.00 -1.46
CA PHE A 163 2.99 -18.38 -1.31
C PHE A 163 3.15 -19.90 -1.29
N LEU A 164 2.36 -20.56 -0.44
CA LEU A 164 2.48 -22.00 -0.28
C LEU A 164 2.18 -22.77 -1.57
N HIS A 165 1.16 -22.32 -2.31
CA HIS A 165 0.86 -22.96 -3.60
C HIS A 165 1.98 -22.80 -4.59
N THR A 166 2.59 -21.61 -4.65
CA THR A 166 3.70 -21.38 -5.57
C THR A 166 4.87 -22.30 -5.19
N GLU A 167 5.21 -22.34 -3.90
CA GLU A 167 6.29 -23.19 -3.41
C GLU A 167 6.03 -24.65 -3.75
N GLU A 168 4.79 -25.09 -3.59
CA GLU A 168 4.46 -26.47 -3.86
C GLU A 168 4.54 -26.79 -5.36
N CYS A 169 4.16 -25.85 -6.22
CA CYS A 169 4.32 -26.04 -7.67
C CYS A 169 5.79 -26.23 -7.99
N ARG A 170 6.65 -25.42 -7.37
CA ARG A 170 8.09 -25.58 -7.59
C ARG A 170 8.57 -26.94 -7.10
N LYS A 171 8.15 -27.35 -5.91
CA LYS A 171 8.55 -28.63 -5.31
C LYS A 171 8.12 -29.80 -6.16
N LEU A 172 6.88 -29.77 -6.63
CA LEU A 172 6.28 -30.89 -7.35
C LEU A 172 6.54 -30.89 -8.85
N GLY A 173 7.11 -29.78 -9.36
CA GLY A 173 7.36 -29.61 -10.78
C GLY A 173 6.07 -29.42 -11.58
N LEU A 174 5.22 -28.50 -11.11
CA LEU A 174 3.99 -28.16 -11.80
C LEU A 174 4.11 -26.79 -12.43
N ALA A 175 3.84 -26.71 -13.72
CA ALA A 175 3.76 -25.42 -14.41
C ALA A 175 2.71 -24.56 -13.74
N PHE A 176 3.06 -23.29 -13.51
CA PHE A 176 2.11 -22.38 -12.84
C PHE A 176 1.99 -21.02 -13.50
N ALA A 177 0.83 -20.39 -13.31
CA ALA A 177 0.62 -19.01 -13.74
C ALA A 177 0.57 -18.13 -12.50
N ALA A 178 1.46 -17.14 -12.42
CA ALA A 178 1.40 -16.14 -11.35
C ALA A 178 0.30 -15.16 -11.74
N ASP A 179 -0.76 -15.12 -10.95
CA ASP A 179 -1.93 -14.31 -11.27
C ASP A 179 -2.39 -13.53 -10.03
N PRO A 180 -1.52 -12.66 -9.48
CA PRO A 180 -1.84 -12.04 -8.19
C PRO A 180 -2.86 -10.91 -8.20
N SER A 181 -3.18 -10.39 -9.39
CA SER A 181 -4.07 -9.22 -9.59
C SER A 181 -4.11 -8.23 -8.43
N GLN A 182 -5.26 -8.11 -7.78
CA GLN A 182 -5.46 -7.07 -6.76
C GLN A 182 -4.52 -7.19 -5.54
N GLN A 183 -4.00 -8.39 -5.28
CA GLN A 183 -3.07 -8.58 -4.15
C GLN A 183 -1.75 -7.83 -4.31
N LEU A 184 -1.43 -7.40 -5.53
CA LEU A 184 -0.23 -6.61 -5.76
C LEU A 184 -0.29 -5.29 -4.97
N ALA A 185 -1.50 -4.81 -4.71
CA ALA A 185 -1.70 -3.56 -3.98
C ALA A 185 -1.76 -3.75 -2.47
N ARG A 186 -1.40 -4.94 -2.00
CA ARG A 186 -1.41 -5.26 -0.56
C ARG A 186 -0.27 -6.15 -0.07
N LEU A 187 0.34 -6.89 -0.97
CA LEU A 187 1.54 -7.65 -0.64
C LEU A 187 2.75 -6.73 -0.69
N SER A 188 3.75 -7.04 0.14
CA SER A 188 5.02 -6.29 0.10
C SER A 188 5.86 -6.72 -1.11
N GLY A 189 6.88 -5.93 -1.42
CA GLY A 189 7.84 -6.29 -2.45
C GLY A 189 8.42 -7.68 -2.24
N GLU A 190 8.81 -7.97 -1.00
CA GLU A 190 9.37 -9.27 -0.63
C GLU A 190 8.40 -10.41 -0.91
N GLU A 191 7.14 -10.22 -0.51
CA GLU A 191 6.11 -11.22 -0.76
C GLU A 191 5.86 -11.42 -2.25
N ILE A 192 5.83 -10.31 -3.00
CA ILE A 192 5.60 -10.42 -4.44
C ILE A 192 6.75 -11.16 -5.14
N ARG A 193 7.98 -10.88 -4.75
CA ARG A 193 9.14 -11.54 -5.36
C ARG A 193 9.07 -13.05 -5.27
N ARG A 194 8.45 -13.57 -4.21
CA ARG A 194 8.33 -15.02 -4.00
C ARG A 194 7.35 -15.69 -4.96
N LEU A 195 6.54 -14.87 -5.65
CA LEU A 195 5.45 -15.40 -6.48
C LEU A 195 5.83 -15.62 -7.94
N VAL A 196 7.02 -15.17 -8.33
CA VAL A 196 7.35 -14.97 -9.73
C VAL A 196 8.26 -16.02 -10.35
N ASN A 197 9.32 -16.44 -9.64
CA ASN A 197 10.37 -17.24 -10.29
C ASN A 197 9.84 -18.57 -10.83
N GLY A 198 10.07 -18.81 -12.12
CA GLY A 198 9.66 -20.04 -12.75
C GLY A 198 8.26 -20.05 -13.35
N ALA A 199 7.52 -18.94 -13.23
CA ALA A 199 6.15 -18.90 -13.76
C ALA A 199 6.12 -19.16 -15.27
N ALA A 200 5.22 -20.02 -15.70
CA ALA A 200 4.95 -20.18 -17.13
C ALA A 200 4.27 -18.93 -17.70
N TYR A 201 3.45 -18.29 -16.87
CA TYR A 201 2.75 -17.07 -17.25
C TYR A 201 2.73 -16.12 -16.07
N LEU A 202 2.88 -14.83 -16.35
CA LEU A 202 2.59 -13.78 -15.38
C LEU A 202 1.47 -12.93 -15.98
N PHE A 203 0.32 -12.88 -15.31
CA PHE A 203 -0.80 -12.05 -15.75
C PHE A 203 -0.93 -10.85 -14.85
N THR A 204 -1.10 -9.68 -15.45
CA THR A 204 -1.52 -8.49 -14.71
C THR A 204 -2.19 -7.54 -15.70
N ASN A 205 -2.78 -6.47 -15.17
CA ASN A 205 -3.14 -5.33 -16.03
C ASN A 205 -1.96 -4.35 -16.09
N ASP A 206 -2.10 -3.25 -16.84
CA ASP A 206 -0.94 -2.35 -17.01
C ASP A 206 -0.50 -1.62 -15.73
N TYR A 207 -1.45 -1.11 -14.96
CA TYR A 207 -1.09 -0.48 -13.68
C TYR A 207 -0.45 -1.48 -12.72
N GLU A 208 -0.99 -2.70 -12.68
CA GLU A 208 -0.45 -3.74 -11.81
C GLU A 208 0.97 -4.15 -12.20
N TRP A 209 1.26 -4.14 -13.50
CA TRP A 209 2.60 -4.42 -13.98
C TRP A 209 3.58 -3.37 -13.44
N ASP A 210 3.22 -2.09 -13.58
CA ASP A 210 4.07 -1.02 -13.06
C ASP A 210 4.27 -1.15 -11.55
N LEU A 211 3.19 -1.48 -10.85
CA LEU A 211 3.23 -1.68 -9.40
C LEU A 211 4.14 -2.85 -9.00
N LEU A 212 4.03 -3.97 -9.73
CA LEU A 212 4.90 -5.10 -9.47
C LEU A 212 6.37 -4.69 -9.57
N LEU A 213 6.73 -3.97 -10.63
CA LEU A 213 8.12 -3.55 -10.81
C LEU A 213 8.56 -2.61 -9.69
N SER A 214 7.68 -1.65 -9.35
CA SER A 214 8.00 -0.67 -8.31
C SER A 214 8.24 -1.35 -6.97
N LYS A 215 7.32 -2.20 -6.56
CA LYS A 215 7.39 -2.81 -5.23
C LYS A 215 8.51 -3.84 -5.11
N THR A 216 8.74 -4.62 -6.16
CA THR A 216 9.79 -5.65 -6.10
C THR A 216 11.18 -5.04 -6.20
N GLY A 217 11.27 -3.87 -6.82
CA GLY A 217 12.57 -3.24 -7.16
C GLY A 217 13.23 -3.86 -8.39
N TRP A 218 12.50 -4.74 -9.08
CA TRP A 218 13.01 -5.40 -10.26
C TRP A 218 12.78 -4.56 -11.52
N SER A 219 13.70 -4.68 -12.48
CA SER A 219 13.48 -4.13 -13.80
C SER A 219 12.64 -5.11 -14.62
N GLU A 220 12.10 -4.64 -15.74
CA GLU A 220 11.41 -5.54 -16.66
C GLU A 220 12.30 -6.74 -17.03
N ALA A 221 13.56 -6.47 -17.37
CA ALA A 221 14.51 -7.53 -17.68
C ALA A 221 14.69 -8.56 -16.55
N ASP A 222 14.74 -8.09 -15.30
CA ASP A 222 14.84 -8.99 -14.15
C ASP A 222 13.66 -9.94 -14.09
N VAL A 223 12.47 -9.43 -14.42
CA VAL A 223 11.26 -10.26 -14.37
C VAL A 223 11.26 -11.23 -15.55
N MET A 224 11.53 -10.70 -16.75
CA MET A 224 11.45 -11.52 -17.96
C MET A 224 12.42 -12.72 -17.93
N ALA A 225 13.54 -12.55 -17.23
CA ALA A 225 14.53 -13.63 -17.10
C ALA A 225 14.04 -14.79 -16.23
N GLN A 226 12.94 -14.57 -15.51
CA GLN A 226 12.41 -15.52 -14.55
C GLN A 226 11.12 -16.20 -14.99
N ILE A 227 10.51 -15.71 -16.07
CA ILE A 227 9.19 -16.21 -16.47
C ILE A 227 9.16 -16.59 -17.96
N ASP A 228 8.16 -17.38 -18.37
CA ASP A 228 8.11 -17.82 -19.76
C ASP A 228 7.27 -16.90 -20.65
N LEU A 229 6.36 -16.14 -20.04
CA LEU A 229 5.52 -15.20 -20.81
C LEU A 229 4.91 -14.18 -19.88
N ARG A 230 4.95 -12.92 -20.27
CA ARG A 230 4.22 -11.85 -19.59
C ARG A 230 2.96 -11.54 -20.39
N VAL A 231 1.83 -11.52 -19.71
CA VAL A 231 0.56 -11.17 -20.35
C VAL A 231 0.03 -9.96 -19.61
N THR A 232 -0.05 -8.84 -20.31
CA THR A 232 -0.42 -7.57 -19.67
C THR A 232 -1.62 -6.98 -20.37
N THR A 233 -2.76 -6.95 -19.68
CA THR A 233 -3.96 -6.37 -20.29
C THR A 233 -3.94 -4.86 -20.20
N LEU A 234 -4.51 -4.20 -21.20
CA LEU A 234 -4.37 -2.75 -21.41
C LEU A 234 -5.73 -2.07 -21.56
N GLY A 235 -6.74 -2.63 -20.90
CA GLY A 235 -8.11 -2.11 -21.00
C GLY A 235 -8.55 -2.02 -22.45
N PRO A 236 -8.99 -0.82 -22.90
CA PRO A 236 -9.54 -0.72 -24.24
C PRO A 236 -8.48 -0.86 -25.32
N LYS A 237 -7.20 -0.81 -24.92
CA LYS A 237 -6.10 -0.98 -25.87
C LYS A 237 -5.69 -2.44 -26.08
N GLY A 238 -6.35 -3.36 -25.41
CA GLY A 238 -6.15 -4.79 -25.69
C GLY A 238 -5.22 -5.51 -24.73
N VAL A 239 -4.24 -6.22 -25.30
CA VAL A 239 -3.33 -7.03 -24.48
C VAL A 239 -1.97 -7.15 -25.16
N ASP A 240 -0.91 -7.08 -24.36
CA ASP A 240 0.45 -7.41 -24.79
C ASP A 240 0.85 -8.78 -24.26
N LEU A 241 1.41 -9.60 -25.14
CA LEU A 241 2.03 -10.87 -24.77
C LEU A 241 3.50 -10.71 -25.03
N VAL A 242 4.32 -10.75 -23.99
CA VAL A 242 5.74 -10.46 -24.11
C VAL A 242 6.54 -11.70 -23.73
N GLU A 243 7.37 -12.15 -24.67
CA GLU A 243 8.19 -13.34 -24.46
C GLU A 243 9.56 -12.92 -23.94
N PRO A 244 10.24 -13.82 -23.21
CA PRO A 244 11.58 -13.48 -22.69
C PRO A 244 12.67 -13.21 -23.76
N ASP A 245 12.41 -13.56 -25.02
CA ASP A 245 13.31 -13.26 -26.14
C ASP A 245 13.13 -11.84 -26.69
N GLY A 246 12.22 -11.08 -26.11
CA GLY A 246 11.92 -9.72 -26.56
C GLY A 246 10.88 -9.60 -27.67
N THR A 247 10.24 -10.71 -28.01
CA THR A 247 9.12 -10.68 -28.94
C THR A 247 7.86 -10.24 -28.22
N THR A 248 7.11 -9.32 -28.85
CA THR A 248 5.82 -8.84 -28.33
C THR A 248 4.72 -9.07 -29.35
N ILE A 249 3.63 -9.68 -28.88
CA ILE A 249 2.42 -9.85 -29.68
C ILE A 249 1.34 -8.98 -29.05
N HIS A 250 0.78 -8.07 -29.82
CA HIS A 250 -0.29 -7.22 -29.35
C HIS A 250 -1.60 -7.57 -30.05
N VAL A 251 -2.64 -7.80 -29.25
CA VAL A 251 -3.96 -8.12 -29.78
C VAL A 251 -4.96 -7.10 -29.23
N GLY A 252 -5.76 -6.48 -30.10
CA GLY A 252 -6.78 -5.55 -29.67
C GLY A 252 -8.02 -6.22 -29.12
N VAL A 253 -8.87 -5.43 -28.50
CA VAL A 253 -10.10 -5.95 -27.91
C VAL A 253 -11.12 -6.38 -28.95
N VAL A 254 -12.11 -7.15 -28.51
CA VAL A 254 -13.31 -7.37 -29.28
C VAL A 254 -14.25 -6.21 -28.96
N PRO A 255 -14.67 -5.42 -29.97
CA PRO A 255 -15.50 -4.26 -29.67
C PRO A 255 -16.76 -4.62 -28.89
N GLU A 256 -17.04 -3.84 -27.84
CA GLU A 256 -18.22 -4.08 -27.03
C GLU A 256 -19.41 -3.28 -27.56
N THR A 257 -20.61 -3.76 -27.22
CA THR A 257 -21.86 -3.04 -27.54
C THR A 257 -22.39 -2.29 -26.32
N SER A 258 -21.83 -2.62 -25.14
CA SER A 258 -22.12 -1.90 -23.89
C SER A 258 -20.96 -2.05 -22.92
N GLN A 259 -20.79 -1.06 -22.05
CA GLN A 259 -19.88 -1.17 -20.90
C GLN A 259 -20.72 -1.40 -19.65
N THR A 260 -21.32 -2.59 -19.57
CA THR A 260 -22.33 -2.89 -18.54
C THR A 260 -21.72 -3.03 -17.16
N ASP A 261 -20.65 -3.82 -17.04
CA ASP A 261 -20.03 -4.07 -15.75
C ASP A 261 -18.63 -4.65 -15.93
N PRO A 262 -17.58 -3.87 -15.63
CA PRO A 262 -16.20 -4.38 -15.75
C PRO A 262 -15.78 -5.49 -14.76
N THR A 263 -16.61 -5.78 -13.77
CA THR A 263 -16.30 -6.81 -12.79
C THR A 263 -16.12 -8.17 -13.48
N GLY A 264 -15.02 -8.87 -13.17
CA GLY A 264 -14.77 -10.22 -13.67
C GLY A 264 -14.18 -10.31 -15.07
N VAL A 265 -13.92 -9.18 -15.72
CA VAL A 265 -13.42 -9.18 -17.09
C VAL A 265 -12.01 -9.75 -17.18
N GLY A 266 -11.17 -9.41 -16.20
CA GLY A 266 -9.80 -9.92 -16.17
C GLY A 266 -9.79 -11.43 -16.01
N ASP A 267 -10.64 -11.94 -15.11
CA ASP A 267 -10.76 -13.38 -14.89
C ASP A 267 -11.20 -14.06 -16.18
N ALA A 268 -12.15 -13.45 -16.88
CA ALA A 268 -12.66 -14.01 -18.14
C ALA A 268 -11.59 -14.05 -19.22
N PHE A 269 -10.80 -12.98 -19.35
CA PHE A 269 -9.70 -12.98 -20.31
C PHE A 269 -8.73 -14.14 -20.03
N ARG A 270 -8.31 -14.26 -18.78
CA ARG A 270 -7.39 -15.32 -18.38
C ARG A 270 -7.94 -16.71 -18.71
N ALA A 271 -9.20 -16.93 -18.36
CA ALA A 271 -9.84 -18.22 -18.65
C ALA A 271 -9.86 -18.51 -20.15
N GLY A 272 -10.25 -17.53 -20.96
CA GLY A 272 -10.38 -17.76 -22.39
C GLY A 272 -9.00 -18.02 -22.99
N PHE A 273 -8.02 -17.20 -22.58
CA PHE A 273 -6.66 -17.36 -23.06
C PHE A 273 -6.09 -18.74 -22.70
N LEU A 274 -6.22 -19.13 -21.43
CA LEU A 274 -5.64 -20.41 -20.98
C LEU A 274 -6.39 -21.60 -21.51
N THR A 275 -7.71 -21.46 -21.72
CA THR A 275 -8.48 -22.51 -22.43
C THR A 275 -7.94 -22.69 -23.85
N GLY A 276 -7.73 -21.57 -24.55
CA GLY A 276 -7.12 -21.61 -25.88
C GLY A 276 -5.77 -22.30 -25.87
N ARG A 277 -4.93 -21.96 -24.89
CA ARG A 277 -3.59 -22.60 -24.81
C ARG A 277 -3.71 -24.09 -24.60
N SER A 278 -4.63 -24.52 -23.73
CA SER A 278 -4.77 -25.96 -23.44
C SER A 278 -5.37 -26.73 -24.62
N ALA A 279 -6.10 -26.02 -25.49
CA ALA A 279 -6.66 -26.58 -26.72
C ALA A 279 -5.68 -26.57 -27.90
N GLY A 280 -4.46 -26.12 -27.63
CA GLY A 280 -3.38 -26.11 -28.63
C GLY A 280 -3.26 -24.87 -29.50
N LEU A 281 -4.04 -23.82 -29.21
CA LEU A 281 -3.89 -22.58 -29.93
C LEU A 281 -2.61 -21.84 -29.56
N GLY A 282 -2.06 -21.13 -30.54
CA GLY A 282 -0.90 -20.27 -30.30
C GLY A 282 -1.27 -19.05 -29.48
N LEU A 283 -0.29 -18.19 -29.26
CA LEU A 283 -0.41 -17.03 -28.39
C LEU A 283 -1.44 -16.03 -28.91
N GLU A 284 -1.35 -15.66 -30.19
CA GLU A 284 -2.27 -14.71 -30.80
C GLU A 284 -3.70 -15.20 -30.75
N ARG A 285 -3.91 -16.46 -31.17
CA ARG A 285 -5.26 -17.01 -31.24
C ARG A 285 -5.86 -17.16 -29.84
N SER A 286 -5.03 -17.56 -28.89
CA SER A 286 -5.46 -17.65 -27.50
C SER A 286 -5.87 -16.29 -26.93
N ALA A 287 -5.10 -15.25 -27.27
CA ALA A 287 -5.48 -13.88 -26.84
C ALA A 287 -6.74 -13.38 -27.50
N GLN A 288 -6.97 -13.77 -28.76
CA GLN A 288 -8.21 -13.48 -29.45
C GLN A 288 -9.41 -14.13 -28.76
N LEU A 289 -9.27 -15.41 -28.39
CA LEU A 289 -10.31 -16.10 -27.65
C LEU A 289 -10.56 -15.43 -26.27
N GLY A 290 -9.48 -15.15 -25.55
CA GLY A 290 -9.59 -14.49 -24.24
C GLY A 290 -10.32 -13.16 -24.36
N SER A 291 -10.05 -12.43 -25.43
CA SER A 291 -10.67 -11.13 -25.66
C SER A 291 -12.18 -11.24 -25.90
N LEU A 292 -12.60 -12.32 -26.56
CA LEU A 292 -14.04 -12.57 -26.72
C LEU A 292 -14.71 -12.86 -25.38
N VAL A 293 -14.13 -13.74 -24.59
CA VAL A 293 -14.74 -14.06 -23.30
C VAL A 293 -14.79 -12.80 -22.43
N ALA A 294 -13.73 -11.99 -22.48
CA ALA A 294 -13.67 -10.74 -21.73
C ALA A 294 -14.84 -9.81 -22.08
N VAL A 295 -15.11 -9.62 -23.37
CA VAL A 295 -16.20 -8.72 -23.76
C VAL A 295 -17.59 -9.26 -23.36
N LEU A 296 -17.76 -10.58 -23.38
CA LEU A 296 -19.04 -11.15 -22.94
C LEU A 296 -19.28 -10.86 -21.47
N VAL A 297 -18.22 -10.89 -20.67
CA VAL A 297 -18.35 -10.57 -19.28
C VAL A 297 -18.58 -9.07 -19.06
N LEU A 298 -17.92 -8.24 -19.86
CA LEU A 298 -18.08 -6.78 -19.78
C LEU A 298 -19.54 -6.40 -20.03
N GLU A 299 -20.19 -7.17 -20.89
CA GLU A 299 -21.57 -6.87 -21.30
C GLU A 299 -22.63 -7.48 -20.38
N SER A 300 -22.18 -8.02 -19.25
CA SER A 300 -23.06 -8.75 -18.34
C SER A 300 -22.89 -8.25 -16.91
N THR A 301 -24.00 -8.18 -16.18
CA THR A 301 -23.95 -7.83 -14.76
C THR A 301 -23.59 -9.06 -13.94
N GLY A 302 -22.58 -8.92 -13.08
CA GLY A 302 -22.01 -10.05 -12.35
C GLY A 302 -20.84 -10.64 -13.11
N THR A 303 -20.35 -11.79 -12.68
CA THR A 303 -19.12 -12.34 -13.24
C THR A 303 -19.33 -13.71 -13.87
N GLN A 304 -20.38 -14.42 -13.46
CA GLN A 304 -20.71 -15.74 -14.03
C GLN A 304 -22.13 -15.78 -14.59
N GLU A 305 -22.65 -14.62 -14.97
CA GLU A 305 -24.05 -14.52 -15.39
C GLU A 305 -24.19 -14.31 -16.88
N TRP A 306 -23.06 -14.46 -17.57
CA TRP A 306 -22.99 -14.37 -19.02
C TRP A 306 -23.30 -15.72 -19.67
N GLN A 307 -23.67 -15.66 -20.95
CA GLN A 307 -24.02 -16.84 -21.74
C GLN A 307 -22.98 -17.13 -22.81
N TRP A 308 -22.83 -18.40 -23.16
CA TRP A 308 -21.95 -18.79 -24.23
C TRP A 308 -22.75 -19.30 -25.42
N ASP A 309 -22.71 -18.55 -26.52
CA ASP A 309 -23.30 -19.03 -27.74
C ASP A 309 -22.25 -19.17 -28.84
N TYR A 310 -22.08 -20.40 -29.29
CA TYR A 310 -21.07 -20.76 -30.29
C TYR A 310 -21.11 -19.94 -31.58
N GLU A 311 -22.28 -19.81 -32.19
CA GLU A 311 -22.41 -19.05 -33.45
C GLU A 311 -22.12 -17.55 -33.31
N ALA A 312 -22.63 -16.94 -32.23
CA ALA A 312 -22.35 -15.54 -31.95
C ALA A 312 -20.86 -15.31 -31.74
N ALA A 313 -20.19 -16.27 -31.10
CA ALA A 313 -18.74 -16.20 -30.86
C ALA A 313 -17.94 -16.20 -32.16
N ALA A 314 -18.27 -17.11 -33.06
CA ALA A 314 -17.66 -17.19 -34.38
C ALA A 314 -17.82 -15.87 -35.16
N SER A 315 -19.03 -15.35 -35.20
CA SER A 315 -19.32 -14.10 -35.90
C SER A 315 -18.55 -12.91 -35.30
N ARG A 316 -18.53 -12.82 -33.98
CA ARG A 316 -17.85 -11.71 -33.32
C ARG A 316 -16.34 -11.79 -33.43
N LEU A 317 -15.80 -13.00 -33.34
CA LEU A 317 -14.37 -13.18 -33.60
C LEU A 317 -14.02 -12.78 -35.03
N ALA A 318 -14.88 -13.12 -35.98
CA ALA A 318 -14.65 -12.74 -37.38
C ALA A 318 -14.68 -11.23 -37.58
N GLY A 319 -15.63 -10.55 -36.92
CA GLY A 319 -15.71 -9.09 -37.00
C GLY A 319 -14.44 -8.41 -36.51
N ALA A 320 -13.91 -8.91 -35.40
CA ALA A 320 -12.74 -8.31 -34.75
C ALA A 320 -11.41 -8.66 -35.40
N TYR A 321 -11.29 -9.91 -35.83
CA TYR A 321 -10.00 -10.48 -36.17
C TYR A 321 -9.92 -11.12 -37.55
N GLY A 322 -11.05 -11.10 -38.26
CA GLY A 322 -11.11 -11.69 -39.60
C GLY A 322 -11.58 -13.14 -39.57
N GLU A 323 -12.11 -13.60 -40.71
CA GLU A 323 -12.74 -14.91 -40.79
C GLU A 323 -11.77 -16.05 -40.59
N HIS A 324 -10.53 -15.87 -41.02
CA HIS A 324 -9.53 -16.93 -40.87
C HIS A 324 -9.20 -17.20 -39.40
N ALA A 325 -8.96 -16.13 -38.63
CA ALA A 325 -8.67 -16.30 -37.21
C ALA A 325 -9.86 -16.94 -36.51
N ALA A 326 -11.07 -16.45 -36.83
CA ALA A 326 -12.29 -17.01 -36.24
C ALA A 326 -12.42 -18.51 -36.52
N ALA A 327 -12.16 -18.91 -37.76
CA ALA A 327 -12.23 -20.32 -38.12
C ALA A 327 -11.28 -21.18 -37.30
N GLU A 328 -10.06 -20.68 -37.09
CA GLU A 328 -9.04 -21.43 -36.37
C GLU A 328 -9.37 -21.57 -34.89
N ILE A 329 -9.98 -20.53 -34.34
CA ILE A 329 -10.41 -20.57 -32.94
C ILE A 329 -11.60 -21.50 -32.71
N VAL A 330 -12.66 -21.35 -33.50
CA VAL A 330 -13.86 -22.17 -33.27
C VAL A 330 -13.63 -23.65 -33.59
N ALA A 331 -12.59 -23.93 -34.38
CA ALA A 331 -12.20 -25.32 -34.68
C ALA A 331 -11.92 -26.15 -33.44
N VAL A 332 -11.42 -25.49 -32.38
CA VAL A 332 -11.12 -26.18 -31.12
C VAL A 332 -12.23 -26.04 -30.05
N LEU A 333 -13.32 -25.36 -30.39
CA LEU A 333 -14.44 -25.11 -29.47
C LEU A 333 -15.72 -25.85 -29.90
N ALA A 334 -16.77 -25.74 -29.09
CA ALA A 334 -18.09 -26.31 -29.40
C ALA A 334 -19.25 -25.59 -28.72
N GLY B 1 -15.16 -6.46 -4.27
CA GLY B 1 -14.78 -7.48 -3.27
C GLY B 1 -13.47 -8.15 -3.61
N THR B 2 -12.37 -7.42 -3.43
CA THR B 2 -11.06 -7.91 -3.83
C THR B 2 -10.18 -8.31 -2.65
N GLU B 3 -9.17 -9.14 -2.92
CA GLU B 3 -8.43 -9.84 -1.89
C GLU B 3 -7.47 -8.94 -1.10
N ASP B 4 -7.11 -7.79 -1.67
CA ASP B 4 -6.30 -6.78 -0.96
C ASP B 4 -7.14 -6.03 0.10
N LEU B 5 -8.42 -6.38 0.17
CA LEU B 5 -9.32 -5.83 1.19
C LEU B 5 -9.85 -6.93 2.12
N TYR B 6 -9.96 -8.16 1.60
CA TYR B 6 -10.25 -9.34 2.44
C TYR B 6 -9.12 -9.58 3.42
N PHE B 7 -7.91 -9.22 3.01
CA PHE B 7 -6.73 -9.30 3.85
C PHE B 7 -6.00 -7.95 3.79
N GLN B 8 -5.72 -7.39 4.97
CA GLN B 8 -5.11 -6.06 5.07
C GLN B 8 -3.86 -6.06 5.95
N HIS B 10 -0.44 -5.09 5.89
CA HIS B 10 0.63 -4.11 6.11
C HIS B 10 0.07 -2.70 6.32
N MET B 11 -0.75 -2.52 7.35
CA MET B 11 -1.33 -1.18 7.61
C MET B 11 -0.27 -0.15 8.01
N THR B 12 -0.28 0.98 7.32
CA THR B 12 0.91 1.83 7.20
C THR B 12 0.66 3.26 7.67
N ILE B 13 1.67 3.85 8.31
CA ILE B 13 1.72 5.31 8.53
C ILE B 13 2.47 5.92 7.34
N ALA B 14 1.85 6.89 6.67
CA ALA B 14 2.51 7.60 5.57
C ALA B 14 3.02 8.92 6.13
N VAL B 15 4.31 9.17 5.97
CA VAL B 15 4.93 10.37 6.53
C VAL B 15 5.26 11.33 5.39
N THR B 16 4.56 12.48 5.37
CA THR B 16 4.87 13.52 4.39
C THR B 16 5.66 14.65 5.06
N GLY B 17 6.51 15.30 4.28
CA GLY B 17 7.31 16.38 4.79
C GLY B 17 8.69 16.45 4.16
N SER B 18 9.51 17.33 4.72
CA SER B 18 10.85 17.61 4.22
C SER B 18 11.79 16.41 4.30
N ILE B 19 12.60 16.25 3.25
CA ILE B 19 13.72 15.31 3.19
C ILE B 19 14.95 16.14 2.86
N ALA B 20 16.02 16.01 3.65
CA ALA B 20 17.24 16.81 3.44
C ALA B 20 18.44 16.13 4.04
N THR B 21 19.63 16.64 3.70
CA THR B 21 20.83 16.26 4.45
C THR B 21 21.56 17.51 4.89
N ASP B 22 22.36 17.37 5.95
CA ASP B 22 23.19 18.46 6.48
C ASP B 22 24.65 18.06 6.28
N HIS B 23 25.43 18.93 5.64
CA HIS B 23 26.86 18.70 5.42
C HIS B 23 27.61 19.72 6.26
N LEU B 24 28.30 19.24 7.30
CA LEU B 24 28.92 20.12 8.28
C LEU B 24 30.44 19.98 8.19
N MET B 25 31.09 21.10 7.95
CA MET B 25 32.53 21.13 7.80
C MET B 25 33.20 21.99 8.84
N ARG B 26 34.36 21.54 9.28
CA ARG B 26 35.10 22.22 10.33
C ARG B 26 36.35 22.88 9.76
N PHE B 27 36.47 24.19 9.99
CA PHE B 27 37.70 24.93 9.67
C PHE B 27 38.51 25.16 10.95
N PRO B 28 39.73 24.59 11.01
CA PRO B 28 40.57 24.76 12.22
C PRO B 28 41.06 26.18 12.51
N GLY B 29 40.96 27.06 11.54
CA GLY B 29 41.40 28.44 11.68
C GLY B 29 40.27 29.40 12.02
N ARG B 30 40.49 30.66 11.69
CA ARG B 30 39.54 31.73 11.97
C ARG B 30 39.13 32.40 10.66
N PHE B 31 37.83 32.42 10.38
CA PHE B 31 37.35 33.07 9.16
C PHE B 31 37.77 34.54 9.12
N SER B 32 37.80 35.16 10.30
CA SER B 32 38.09 36.59 10.41
C SER B 32 39.45 36.97 9.82
N GLU B 33 40.37 36.01 9.75
CA GLU B 33 41.71 36.34 9.26
C GLU B 33 41.74 36.63 7.77
N GLN B 34 40.65 36.27 7.06
CA GLN B 34 40.50 36.55 5.64
C GLN B 34 39.39 37.56 5.36
N LEU B 35 38.85 38.13 6.45
CA LEU B 35 37.92 39.27 6.33
C LEU B 35 38.56 40.61 6.55
N LEU B 36 39.37 40.96 5.53
CA LEU B 36 40.09 42.26 5.54
C LEU B 36 39.23 43.42 5.14
N PRO B 37 39.57 44.61 5.66
CA PRO B 37 38.84 45.82 5.35
C PRO B 37 39.01 46.26 3.91
N GLU B 38 38.00 47.00 3.44
CA GLU B 38 38.07 47.82 2.22
C GLU B 38 37.61 47.12 0.96
N HIS B 39 37.59 45.79 0.99
CA HIS B 39 37.22 45.02 -0.20
C HIS B 39 36.21 43.91 0.11
N LEU B 40 35.42 44.08 1.18
CA LEU B 40 34.37 43.10 1.55
C LEU B 40 33.25 43.06 0.52
N HIS B 41 33.31 43.94 -0.47
CA HIS B 41 32.32 43.87 -1.53
C HIS B 41 32.64 42.88 -2.65
N LYS B 42 33.79 42.22 -2.58
CA LYS B 42 34.02 41.08 -3.44
C LYS B 42 35.00 40.13 -2.75
N VAL B 43 34.49 39.35 -1.82
CA VAL B 43 35.34 38.41 -1.10
C VAL B 43 35.74 37.25 -2.00
N SER B 44 36.88 36.62 -1.67
CA SER B 44 37.28 35.34 -2.22
C SER B 44 37.88 34.55 -1.07
N LEU B 45 36.99 34.00 -0.25
CA LEU B 45 37.41 33.24 0.93
C LEU B 45 37.73 31.81 0.56
N SER B 46 38.72 31.24 1.23
CA SER B 46 39.15 29.87 0.94
C SER B 46 39.55 29.19 2.24
N PHE B 47 38.85 28.12 2.60
CA PHE B 47 39.08 27.40 3.86
C PHE B 47 39.49 25.96 3.62
N LEU B 48 40.66 25.60 4.11
CA LEU B 48 41.06 24.19 4.16
C LEU B 48 40.40 23.58 5.38
N VAL B 49 39.41 22.74 5.17
CA VAL B 49 38.67 22.14 6.28
C VAL B 49 39.21 20.77 6.60
N ASP B 50 39.02 20.31 7.84
CA ASP B 50 39.64 19.06 8.25
C ASP B 50 38.64 18.02 8.72
N ASP B 51 37.36 18.28 8.52
CA ASP B 51 36.32 17.34 8.92
C ASP B 51 35.08 17.63 8.09
N LEU B 52 34.38 16.57 7.68
CA LEU B 52 33.10 16.66 6.99
C LEU B 52 32.19 15.59 7.56
N VAL B 53 31.05 16.03 8.09
CA VAL B 53 30.04 15.14 8.67
C VAL B 53 28.76 15.35 7.87
N MET B 54 28.13 14.27 7.43
CA MET B 54 26.87 14.34 6.71
C MET B 54 25.80 13.66 7.53
N HIS B 55 24.76 14.41 7.87
CA HIS B 55 23.62 13.88 8.63
C HIS B 55 22.39 13.81 7.74
N ARG B 56 21.72 12.67 7.74
CA ARG B 56 20.48 12.48 7.02
C ARG B 56 19.34 13.01 7.85
N GLY B 57 18.42 13.74 7.24
CA GLY B 57 17.40 14.45 7.99
C GLY B 57 16.20 14.92 7.17
N GLY B 58 15.63 16.05 7.58
CA GLY B 58 14.27 16.42 7.18
C GLY B 58 13.28 15.81 8.15
N VAL B 59 12.24 16.55 8.51
CA VAL B 59 11.26 16.03 9.48
C VAL B 59 10.69 14.68 9.03
N ALA B 60 10.36 14.55 7.74
CA ALA B 60 9.73 13.32 7.27
C ALA B 60 10.73 12.16 7.28
N GLY B 61 11.98 12.42 6.87
CA GLY B 61 13.02 11.37 6.97
C GLY B 61 13.22 10.92 8.40
N ASN B 62 13.33 11.88 9.32
CA ASN B 62 13.53 11.57 10.74
C ASN B 62 12.40 10.74 11.32
N MET B 63 11.17 11.15 11.06
CA MET B 63 10.03 10.42 11.61
C MET B 63 9.91 9.02 11.00
N ALA B 64 10.09 8.91 9.67
CA ALA B 64 10.03 7.60 9.02
C ALA B 64 11.13 6.67 9.55
N PHE B 65 12.35 7.18 9.68
CA PHE B 65 13.46 6.42 10.26
C PHE B 65 13.09 5.84 11.62
N ALA B 66 12.58 6.68 12.52
CA ALA B 66 12.28 6.25 13.88
C ALA B 66 11.17 5.20 13.90
N ILE B 67 10.11 5.42 13.13
CA ILE B 67 9.02 4.43 13.07
C ILE B 67 9.57 3.09 12.58
N GLY B 68 10.40 3.11 11.53
CA GLY B 68 11.01 1.89 11.00
C GLY B 68 11.86 1.17 12.03
N VAL B 69 12.73 1.91 12.72
CA VAL B 69 13.61 1.35 13.74
C VAL B 69 12.82 0.65 14.84
N LEU B 70 11.68 1.25 15.20
CA LEU B 70 10.81 0.70 16.26
C LEU B 70 9.92 -0.44 15.76
N GLY B 71 10.03 -0.79 14.48
CA GLY B 71 9.30 -1.95 13.95
C GLY B 71 7.95 -1.66 13.35
N GLY B 72 7.63 -0.38 13.16
CA GLY B 72 6.37 0.01 12.54
C GLY B 72 6.36 -0.08 11.03
N GLU B 73 5.15 -0.12 10.47
CA GLU B 73 4.96 -0.08 9.03
C GLU B 73 4.86 1.37 8.57
N VAL B 74 5.78 1.78 7.72
CA VAL B 74 5.90 3.21 7.39
C VAL B 74 6.34 3.43 5.95
N ALA B 75 5.74 4.43 5.32
CA ALA B 75 6.12 4.87 3.97
C ALA B 75 6.52 6.33 4.03
N LEU B 76 7.72 6.63 3.52
CA LEU B 76 8.16 8.01 3.37
C LEU B 76 7.63 8.61 2.06
N VAL B 77 6.98 9.78 2.15
CA VAL B 77 6.34 10.42 1.00
C VAL B 77 6.78 11.89 0.94
N GLY B 78 7.79 12.16 0.12
CA GLY B 78 8.32 13.51 -0.02
C GLY B 78 9.18 13.53 -1.27
N ALA B 79 9.79 14.68 -1.57
CA ALA B 79 10.55 14.88 -2.81
C ALA B 79 12.05 14.98 -2.54
N ALA B 80 12.84 14.32 -3.39
CA ALA B 80 14.28 14.31 -3.25
C ALA B 80 14.90 14.25 -4.66
N GLY B 81 16.22 14.26 -4.74
CA GLY B 81 16.93 14.14 -6.02
C GLY B 81 17.52 12.74 -6.20
N ALA B 82 18.17 12.52 -7.34
CA ALA B 82 18.78 11.21 -7.60
C ALA B 82 19.85 10.87 -6.57
N ASP B 83 20.50 11.89 -6.01
CA ASP B 83 21.46 11.67 -4.93
C ASP B 83 20.84 11.19 -3.60
N PHE B 84 19.53 10.98 -3.59
CA PHE B 84 18.84 10.35 -2.47
C PHE B 84 19.18 8.87 -2.34
N ALA B 85 19.79 8.29 -3.38
CA ALA B 85 20.01 6.85 -3.42
C ALA B 85 20.60 6.22 -2.15
N ASP B 86 21.68 6.78 -1.61
CA ASP B 86 22.31 6.21 -0.41
C ASP B 86 21.41 6.38 0.83
N TYR B 87 20.64 7.47 0.85
CA TYR B 87 19.71 7.75 1.93
C TYR B 87 18.54 6.76 1.85
N ARG B 88 18.07 6.49 0.64
CA ARG B 88 17.09 5.43 0.39
C ARG B 88 17.58 4.10 0.94
N ASP B 89 18.83 3.72 0.64
CA ASP B 89 19.35 2.43 1.10
C ASP B 89 19.37 2.38 2.63
N TRP B 90 19.78 3.48 3.25
CA TRP B 90 19.85 3.63 4.69
C TRP B 90 18.47 3.38 5.31
N LEU B 91 17.46 4.02 4.74
CA LEU B 91 16.09 3.94 5.25
C LEU B 91 15.45 2.57 5.00
N LYS B 92 15.68 2.01 3.82
CA LYS B 92 15.10 0.69 3.50
C LYS B 92 15.65 -0.39 4.43
N ALA B 93 16.92 -0.26 4.83
CA ALA B 93 17.52 -1.22 5.76
C ALA B 93 16.86 -1.20 7.13
N ARG B 94 16.18 -0.10 7.45
CA ARG B 94 15.47 0.03 8.72
C ARG B 94 13.95 -0.15 8.55
N GLY B 95 13.54 -0.72 7.42
CA GLY B 95 12.15 -1.09 7.17
C GLY B 95 11.26 -0.03 6.57
N VAL B 96 11.84 1.09 6.16
CA VAL B 96 11.05 2.17 5.58
C VAL B 96 10.77 1.92 4.10
N ASN B 97 9.50 2.02 3.72
CA ASN B 97 9.10 1.97 2.31
C ASN B 97 9.39 3.33 1.69
N CYS B 98 10.27 3.34 0.67
CA CYS B 98 10.65 4.56 -0.04
C CYS B 98 10.12 4.65 -1.47
N ASP B 99 9.17 3.79 -1.81
CA ASP B 99 8.68 3.72 -3.19
C ASP B 99 7.98 5.01 -3.62
N HIS B 100 7.52 5.78 -2.64
CA HIS B 100 6.73 6.97 -2.92
C HIS B 100 7.48 8.26 -2.67
N VAL B 101 8.80 8.14 -2.62
CA VAL B 101 9.66 9.33 -2.65
C VAL B 101 9.76 9.75 -4.11
N LEU B 102 9.32 10.96 -4.40
CA LEU B 102 9.42 11.51 -5.75
C LEU B 102 10.86 11.91 -6.01
N ILE B 103 11.42 11.43 -7.12
CA ILE B 103 12.81 11.74 -7.48
C ILE B 103 12.82 12.73 -8.63
N SER B 104 13.33 13.92 -8.34
CA SER B 104 13.39 14.97 -9.35
C SER B 104 14.27 14.59 -10.52
N GLU B 105 13.88 15.05 -11.69
CA GLU B 105 14.67 14.85 -12.90
C GLU B 105 15.82 15.84 -12.98
N THR B 106 15.71 16.95 -12.24
CA THR B 106 16.65 18.07 -12.41
C THR B 106 17.31 18.54 -11.12
N ALA B 107 16.59 18.50 -10.01
CA ALA B 107 17.12 19.05 -8.76
C ALA B 107 17.70 17.98 -7.88
N HIS B 108 18.66 18.36 -7.04
CA HIS B 108 19.23 17.44 -6.07
C HIS B 108 18.40 17.46 -4.79
N THR B 109 18.71 16.54 -3.89
CA THR B 109 18.06 16.51 -2.59
C THR B 109 18.36 17.82 -1.85
N ALA B 110 17.36 18.38 -1.16
CA ALA B 110 17.58 19.58 -0.34
C ALA B 110 18.80 19.39 0.56
N ARG B 111 19.56 20.46 0.77
CA ARG B 111 20.82 20.37 1.50
C ARG B 111 21.14 21.62 2.28
N PHE B 112 21.42 21.44 3.56
CA PHE B 112 21.96 22.48 4.42
C PHE B 112 23.47 22.22 4.52
N THR B 113 24.28 23.25 4.29
CA THR B 113 25.73 23.14 4.41
C THR B 113 26.19 24.19 5.41
N CYS B 114 27.09 23.81 6.32
CA CYS B 114 27.60 24.79 7.28
C CYS B 114 29.05 24.55 7.58
N THR B 115 29.85 25.62 7.49
CA THR B 115 31.27 25.56 7.87
C THR B 115 31.43 26.39 9.15
N THR B 116 32.05 25.78 10.14
CA THR B 116 32.23 26.40 11.45
C THR B 116 33.72 26.49 11.74
N ASP B 117 34.15 27.67 12.23
CA ASP B 117 35.57 27.85 12.53
C ASP B 117 35.87 27.64 14.03
N VAL B 118 37.12 27.86 14.42
CA VAL B 118 37.54 27.55 15.78
C VAL B 118 36.88 28.41 16.85
N ASP B 119 36.41 29.58 16.46
CA ASP B 119 35.70 30.49 17.38
C ASP B 119 34.19 30.35 17.27
N MET B 120 33.74 29.33 16.55
CA MET B 120 32.33 29.03 16.37
C MET B 120 31.62 30.04 15.47
N ALA B 121 32.40 30.81 14.69
CA ALA B 121 31.81 31.58 13.59
C ALA B 121 31.27 30.57 12.58
N GLN B 122 30.25 30.96 11.83
CA GLN B 122 29.61 30.03 10.89
C GLN B 122 29.29 30.68 9.57
N ILE B 123 29.40 29.89 8.51
CA ILE B 123 28.99 30.30 7.16
C ILE B 123 28.14 29.17 6.62
N ALA B 124 26.86 29.45 6.41
CA ALA B 124 25.86 28.42 6.10
C ALA B 124 25.10 28.71 4.83
N SER B 125 24.61 27.63 4.22
CA SER B 125 23.71 27.78 3.10
C SER B 125 22.63 26.73 3.09
N PHE B 126 21.50 27.07 2.50
CA PHE B 126 20.47 26.07 2.29
C PHE B 126 20.08 26.06 0.83
N TYR B 127 20.10 24.85 0.26
CA TYR B 127 19.70 24.58 -1.11
C TYR B 127 18.37 23.81 -1.03
N PRO B 128 17.26 24.45 -1.43
CA PRO B 128 15.96 23.74 -1.36
C PRO B 128 15.84 22.55 -2.31
N GLY B 129 16.54 22.57 -3.42
CA GLY B 129 16.55 21.43 -4.32
C GLY B 129 15.16 20.94 -4.67
N ALA B 130 14.98 19.64 -4.55
CA ALA B 130 13.75 18.98 -5.00
C ALA B 130 12.55 19.23 -4.11
N MET B 131 12.72 19.91 -2.97
CA MET B 131 11.63 20.01 -2.01
C MET B 131 10.33 20.57 -2.59
N SER B 132 10.43 21.59 -3.44
CA SER B 132 9.21 22.21 -3.98
C SER B 132 8.38 21.26 -4.85
N GLU B 133 9.03 20.23 -5.37
CA GLU B 133 8.33 19.24 -6.20
C GLU B 133 7.41 18.34 -5.39
N ALA B 134 7.46 18.43 -4.06
CA ALA B 134 6.54 17.66 -3.23
C ALA B 134 5.08 18.02 -3.56
N ARG B 135 4.86 19.23 -4.09
CA ARG B 135 3.51 19.66 -4.49
C ARG B 135 2.93 18.80 -5.62
N ASN B 136 3.80 18.03 -6.29
CA ASN B 136 3.38 17.18 -7.41
C ASN B 136 3.09 15.74 -7.01
N ILE B 137 3.26 15.45 -5.73
CA ILE B 137 2.95 14.14 -5.18
C ILE B 137 1.45 13.99 -4.96
N LYS B 138 0.90 12.90 -5.47
CA LYS B 138 -0.49 12.52 -5.22
C LYS B 138 -0.58 11.38 -4.22
N LEU B 139 -1.27 11.63 -3.10
CA LEU B 139 -1.48 10.57 -2.11
C LEU B 139 -2.34 9.44 -2.67
N ALA B 140 -3.16 9.75 -3.67
CA ALA B 140 -3.93 8.73 -4.38
C ALA B 140 -3.06 7.63 -4.96
N ASP B 141 -1.84 7.99 -5.38
CA ASP B 141 -0.89 7.01 -5.90
C ASP B 141 -0.34 6.11 -4.80
N VAL B 142 -0.23 6.64 -3.59
CA VAL B 142 0.16 5.83 -2.44
C VAL B 142 -0.96 4.85 -2.12
N VAL B 143 -2.19 5.35 -2.03
CA VAL B 143 -3.36 4.51 -1.76
C VAL B 143 -3.50 3.37 -2.78
N SER B 144 -3.30 3.67 -4.06
CA SER B 144 -3.38 2.65 -5.11
C SER B 144 -2.36 1.55 -4.92
N ALA B 145 -1.20 1.91 -4.37
CA ALA B 145 -0.09 0.99 -4.26
C ALA B 145 -0.11 0.11 -3.02
N ILE B 146 -0.52 0.68 -1.88
CA ILE B 146 -0.42 -0.02 -0.61
C ILE B 146 -1.73 -0.04 0.20
N GLY B 147 -2.79 0.56 -0.32
CA GLY B 147 -4.03 0.67 0.43
C GLY B 147 -4.08 1.99 1.18
N LYS B 148 -5.20 2.26 1.82
CA LYS B 148 -5.34 3.49 2.59
C LYS B 148 -4.43 3.45 3.83
N PRO B 149 -3.52 4.43 3.98
CA PRO B 149 -2.77 4.49 5.24
C PRO B 149 -3.69 4.67 6.44
N GLU B 150 -3.27 4.19 7.61
CA GLU B 150 -4.04 4.43 8.81
C GLU B 150 -3.86 5.86 9.34
N LEU B 151 -2.78 6.53 8.93
CA LEU B 151 -2.56 7.92 9.29
C LEU B 151 -1.58 8.51 8.29
N VAL B 152 -1.82 9.76 7.93
CA VAL B 152 -0.86 10.51 7.09
C VAL B 152 -0.36 11.67 7.94
N ILE B 153 0.95 11.72 8.19
CA ILE B 153 1.54 12.84 8.93
C ILE B 153 1.81 13.96 7.93
N ILE B 154 1.26 15.16 8.21
CA ILE B 154 1.54 16.34 7.38
C ILE B 154 2.63 17.18 8.03
N GLY B 155 3.87 16.79 7.79
CA GLY B 155 5.03 17.50 8.36
C GLY B 155 5.38 18.78 7.61
N ALA B 156 6.24 19.58 8.23
CA ALA B 156 6.75 20.78 7.58
C ALA B 156 7.36 20.39 6.23
N ASN B 157 7.09 21.18 5.20
CA ASN B 157 7.36 20.81 3.80
C ASN B 157 7.23 22.07 2.95
N ASP B 158 7.42 21.94 1.64
CA ASP B 158 6.90 22.92 0.70
C ASP B 158 5.48 23.29 1.14
N PRO B 159 5.20 24.59 1.37
CA PRO B 159 3.87 25.00 1.83
C PRO B 159 2.72 24.52 0.95
N GLU B 160 2.85 24.65 -0.37
CA GLU B 160 1.78 24.17 -1.26
C GLU B 160 1.53 22.67 -1.06
N ALA B 161 2.60 21.90 -0.93
CA ALA B 161 2.47 20.47 -0.67
C ALA B 161 1.70 20.20 0.62
N MET B 162 1.97 20.97 1.67
CA MET B 162 1.26 20.79 2.93
C MET B 162 -0.26 20.95 2.74
N PHE B 163 -0.65 22.00 2.01
CA PHE B 163 -2.09 22.25 1.77
C PHE B 163 -2.68 21.15 0.90
N LEU B 164 -1.99 20.83 -0.20
CA LEU B 164 -2.49 19.83 -1.12
C LEU B 164 -2.62 18.46 -0.45
N HIS B 165 -1.63 18.06 0.34
CA HIS B 165 -1.71 16.77 1.05
C HIS B 165 -2.88 16.75 2.01
N THR B 166 -3.05 17.83 2.76
CA THR B 166 -4.13 17.89 3.74
C THR B 166 -5.48 17.79 3.02
N GLU B 167 -5.66 18.59 1.97
CA GLU B 167 -6.91 18.56 1.20
C GLU B 167 -7.14 17.19 0.57
N GLU B 168 -6.08 16.55 0.10
CA GLU B 168 -6.23 15.22 -0.49
C GLU B 168 -6.62 14.20 0.57
N CYS B 169 -6.07 14.32 1.78
CA CYS B 169 -6.49 13.45 2.86
C CYS B 169 -7.99 13.58 3.09
N ARG B 170 -8.50 14.80 3.13
CA ARG B 170 -9.95 14.99 3.31
C ARG B 170 -10.74 14.37 2.16
N LYS B 171 -10.27 14.57 0.94
CA LYS B 171 -10.91 14.03 -0.27
C LYS B 171 -11.00 12.49 -0.23
N LEU B 172 -9.95 11.86 0.28
CA LEU B 172 -9.82 10.41 0.26
C LEU B 172 -10.27 9.76 1.56
N GLY B 173 -10.76 10.57 2.49
CA GLY B 173 -11.24 10.08 3.77
C GLY B 173 -10.15 9.51 4.65
N LEU B 174 -8.94 10.07 4.53
CA LEU B 174 -7.78 9.60 5.30
C LEU B 174 -7.56 10.42 6.57
N ALA B 175 -7.23 9.73 7.67
CA ALA B 175 -6.89 10.38 8.93
C ALA B 175 -5.54 11.05 8.76
N PHE B 176 -5.41 12.25 9.28
CA PHE B 176 -4.12 12.94 9.18
C PHE B 176 -3.69 13.60 10.48
N ALA B 177 -2.38 13.77 10.63
CA ALA B 177 -1.81 14.53 11.73
C ALA B 177 -1.26 15.84 11.19
N ALA B 178 -1.78 16.94 11.72
CA ALA B 178 -1.26 18.27 11.40
C ALA B 178 0.03 18.43 12.20
N ASP B 179 1.15 18.55 11.49
CA ASP B 179 2.45 18.62 12.13
C ASP B 179 3.29 19.72 11.48
N PRO B 180 2.80 20.98 11.51
CA PRO B 180 3.42 22.05 10.71
C PRO B 180 4.71 22.64 11.26
N SER B 181 5.01 22.34 12.54
CA SER B 181 6.19 22.87 13.27
C SER B 181 6.69 24.25 12.82
N GLN B 182 7.86 24.28 12.20
CA GLN B 182 8.54 25.53 11.86
C GLN B 182 7.81 26.40 10.83
N GLN B 183 6.92 25.80 10.05
CA GLN B 183 6.17 26.55 9.07
C GLN B 183 5.11 27.48 9.69
N LEU B 184 4.76 27.25 10.95
CA LEU B 184 3.79 28.14 11.59
C LEU B 184 4.26 29.60 11.57
N ALA B 185 5.56 29.83 11.68
CA ALA B 185 6.12 31.18 11.69
C ALA B 185 6.05 31.85 10.31
N ARG B 186 5.79 31.05 9.29
CA ARG B 186 5.83 31.51 7.90
C ARG B 186 4.43 31.65 7.30
N LEU B 187 3.50 30.84 7.77
CA LEU B 187 2.16 30.78 7.19
C LEU B 187 1.20 31.79 7.82
N SER B 188 0.21 32.23 7.05
CA SER B 188 -0.79 33.16 7.55
C SER B 188 -1.79 32.41 8.43
N GLY B 189 -2.57 33.14 9.23
CA GLY B 189 -3.64 32.54 10.02
C GLY B 189 -4.59 31.70 9.17
N GLU B 190 -4.98 32.24 8.02
CA GLU B 190 -5.85 31.56 7.06
C GLU B 190 -5.24 30.24 6.57
N GLU B 191 -3.95 30.25 6.26
CA GLU B 191 -3.26 29.05 5.82
C GLU B 191 -3.17 28.03 6.94
N ILE B 192 -2.90 28.49 8.16
CA ILE B 192 -2.82 27.58 9.30
C ILE B 192 -4.17 26.92 9.59
N ARG B 193 -5.25 27.70 9.57
CA ARG B 193 -6.58 27.12 9.80
C ARG B 193 -6.85 25.97 8.83
N ARG B 194 -6.43 26.13 7.57
CA ARG B 194 -6.66 25.12 6.54
C ARG B 194 -5.89 23.82 6.76
N LEU B 195 -4.85 23.86 7.58
CA LEU B 195 -4.05 22.68 7.89
C LEU B 195 -4.61 21.92 9.09
N VAL B 196 -5.42 22.59 9.90
CA VAL B 196 -5.82 22.05 11.19
C VAL B 196 -7.18 21.35 11.16
N ASN B 197 -8.15 21.91 10.43
CA ASN B 197 -9.51 21.43 10.54
C ASN B 197 -9.63 19.95 10.20
N GLY B 198 -10.23 19.18 11.11
CA GLY B 198 -10.44 17.76 10.91
C GLY B 198 -9.28 16.83 11.23
N ALA B 199 -8.19 17.37 11.78
CA ALA B 199 -7.03 16.55 12.10
C ALA B 199 -7.28 15.53 13.20
N ALA B 200 -6.77 14.31 13.02
CA ALA B 200 -6.76 13.29 14.06
C ALA B 200 -5.80 13.67 15.20
N TYR B 201 -4.71 14.35 14.85
CA TYR B 201 -3.73 14.85 15.83
C TYR B 201 -3.26 16.20 15.38
N LEU B 202 -3.04 17.09 16.35
CA LEU B 202 -2.25 18.30 16.12
C LEU B 202 -1.02 18.22 17.00
N PHE B 203 0.17 18.26 16.39
CA PHE B 203 1.43 18.29 17.14
C PHE B 203 2.08 19.66 17.00
N THR B 204 2.49 20.25 18.13
CA THR B 204 3.38 21.44 18.13
C THR B 204 4.20 21.45 19.40
N ASN B 205 5.18 22.36 19.50
CA ASN B 205 5.74 22.70 20.81
C ASN B 205 4.92 23.84 21.44
N ASP B 206 5.30 24.28 22.64
CA ASP B 206 4.49 25.27 23.35
C ASP B 206 4.52 26.66 22.68
N TYR B 207 5.70 27.04 22.17
CA TYR B 207 5.84 28.31 21.44
C TYR B 207 4.93 28.33 20.22
N GLU B 208 4.95 27.23 19.48
CA GLU B 208 4.18 27.08 18.25
C GLU B 208 2.68 27.03 18.53
N TRP B 209 2.29 26.45 19.66
CA TRP B 209 0.88 26.40 20.04
C TRP B 209 0.34 27.81 20.32
N ASP B 210 1.09 28.61 21.09
CA ASP B 210 0.67 29.98 21.38
C ASP B 210 0.60 30.78 20.07
N LEU B 211 1.59 30.57 19.21
CA LEU B 211 1.64 31.17 17.89
C LEU B 211 0.43 30.79 17.04
N LEU B 212 0.11 29.50 16.98
CA LEU B 212 -1.04 29.02 16.22
C LEU B 212 -2.32 29.73 16.67
N LEU B 213 -2.54 29.84 17.98
CA LEU B 213 -3.74 30.51 18.49
C LEU B 213 -3.79 31.98 18.09
N SER B 214 -2.66 32.67 18.26
CA SER B 214 -2.59 34.10 17.95
C SER B 214 -2.82 34.37 16.47
N LYS B 215 -2.21 33.58 15.60
CA LYS B 215 -2.29 33.81 14.16
C LYS B 215 -3.64 33.42 13.57
N THR B 216 -4.18 32.30 14.01
CA THR B 216 -5.49 31.82 13.52
C THR B 216 -6.65 32.66 14.04
N GLY B 217 -6.46 33.28 15.19
CA GLY B 217 -7.54 33.98 15.88
C GLY B 217 -8.48 33.05 16.64
N TRP B 218 -8.15 31.75 16.63
CA TRP B 218 -8.92 30.75 17.33
C TRP B 218 -8.62 30.75 18.82
N SER B 219 -9.63 30.42 19.61
CA SER B 219 -9.43 30.09 21.01
C SER B 219 -9.01 28.62 21.09
N GLU B 220 -8.52 28.19 22.26
CA GLU B 220 -8.23 26.77 22.46
C GLU B 220 -9.48 25.93 22.19
N ALA B 221 -10.64 26.39 22.67
CA ALA B 221 -11.88 25.65 22.47
C ALA B 221 -12.23 25.54 20.99
N ASP B 222 -11.97 26.60 20.23
CA ASP B 222 -12.21 26.57 18.78
C ASP B 222 -11.37 25.45 18.13
N VAL B 223 -10.12 25.30 18.57
CA VAL B 223 -9.24 24.27 18.01
C VAL B 223 -9.70 22.87 18.41
N MET B 224 -10.04 22.71 19.69
CA MET B 224 -10.37 21.40 20.23
C MET B 224 -11.65 20.84 19.62
N ALA B 225 -12.51 21.73 19.13
CA ALA B 225 -13.73 21.32 18.45
C ALA B 225 -13.46 20.77 17.05
N GLN B 226 -12.24 20.96 16.57
CA GLN B 226 -11.87 20.62 15.19
C GLN B 226 -10.87 19.48 15.05
N ILE B 227 -10.24 19.12 16.15
CA ILE B 227 -9.23 18.06 16.14
C ILE B 227 -9.57 16.98 17.15
N ASP B 228 -8.97 15.80 16.99
CA ASP B 228 -9.25 14.68 17.89
C ASP B 228 -8.33 14.62 19.11
N LEU B 229 -7.15 15.23 19.02
CA LEU B 229 -6.21 15.25 20.12
C LEU B 229 -5.18 16.34 19.87
N ARG B 230 -4.89 17.15 20.89
CA ARG B 230 -3.76 18.08 20.85
C ARG B 230 -2.56 17.46 21.59
N VAL B 231 -1.40 17.49 20.96
CA VAL B 231 -0.15 17.06 21.59
C VAL B 231 0.80 18.25 21.56
N THR B 232 1.17 18.73 22.74
CA THR B 232 2.01 19.92 22.85
C THR B 232 3.26 19.61 23.66
N THR B 233 4.41 19.61 23.01
CA THR B 233 5.66 19.36 23.73
C THR B 233 6.11 20.64 24.43
N LEU B 234 6.79 20.43 25.56
CA LEU B 234 7.09 21.49 26.52
C LEU B 234 8.57 21.54 26.87
N GLY B 235 9.43 21.08 25.96
CA GLY B 235 10.87 21.01 26.22
C GLY B 235 11.14 20.19 27.47
N PRO B 236 11.92 20.75 28.43
CA PRO B 236 12.32 19.96 29.60
C PRO B 236 11.13 19.59 30.50
N LYS B 237 9.99 20.25 30.28
CA LYS B 237 8.80 20.02 31.08
C LYS B 237 7.90 18.90 30.53
N GLY B 238 8.31 18.26 29.43
CA GLY B 238 7.59 17.08 28.93
C GLY B 238 6.56 17.36 27.84
N VAL B 239 5.36 16.80 28.01
CA VAL B 239 4.33 16.89 26.98
C VAL B 239 2.94 16.94 27.60
N ASP B 240 2.05 17.74 27.01
CA ASP B 240 0.62 17.74 27.32
C ASP B 240 -0.16 17.06 26.20
N LEU B 241 -1.08 16.17 26.56
CA LEU B 241 -2.01 15.54 25.62
C LEU B 241 -3.40 15.96 26.04
N VAL B 242 -4.13 16.61 25.14
CA VAL B 242 -5.42 17.20 25.49
C VAL B 242 -6.51 16.66 24.58
N GLU B 243 -7.56 16.10 25.18
CA GLU B 243 -8.66 15.49 24.45
C GLU B 243 -9.81 16.50 24.34
N PRO B 244 -10.66 16.39 23.28
CA PRO B 244 -11.74 17.35 23.11
C PRO B 244 -12.72 17.46 24.30
N ASP B 245 -12.79 16.43 25.14
CA ASP B 245 -13.67 16.49 26.33
C ASP B 245 -13.07 17.30 27.48
N GLY B 246 -11.76 17.56 27.43
CA GLY B 246 -11.12 18.34 28.47
C GLY B 246 -10.24 17.51 29.39
N THR B 247 -10.15 16.20 29.12
CA THR B 247 -9.15 15.35 29.78
C THR B 247 -7.76 15.73 29.28
N THR B 248 -6.86 15.95 30.22
CA THR B 248 -5.48 16.26 29.89
C THR B 248 -4.54 15.27 30.56
N ILE B 249 -3.54 14.83 29.82
CA ILE B 249 -2.54 13.93 30.35
C ILE B 249 -1.17 14.59 30.17
N HIS B 250 -0.42 14.71 31.25
CA HIS B 250 0.90 15.29 31.22
C HIS B 250 1.94 14.24 31.57
N VAL B 251 2.92 14.07 30.68
CA VAL B 251 4.00 13.11 30.88
C VAL B 251 5.32 13.86 30.86
N GLY B 252 6.13 13.66 31.90
CA GLY B 252 7.43 14.30 32.00
C GLY B 252 8.44 13.64 31.08
N VAL B 253 9.57 14.32 30.87
CA VAL B 253 10.63 13.77 30.03
C VAL B 253 11.33 12.57 30.68
N VAL B 254 12.03 11.78 29.87
CA VAL B 254 12.97 10.79 30.38
C VAL B 254 14.25 11.57 30.69
N PRO B 255 14.75 11.47 31.94
CA PRO B 255 15.95 12.28 32.27
C PRO B 255 17.16 11.97 31.38
N GLU B 256 17.81 13.02 30.88
CA GLU B 256 18.95 12.85 30.00
C GLU B 256 20.26 12.78 30.79
N THR B 257 21.25 12.13 30.19
CA THR B 257 22.62 12.13 30.71
C THR B 257 23.48 13.18 29.99
N SER B 258 22.96 13.74 28.91
CA SER B 258 23.61 14.84 28.17
C SER B 258 22.61 15.58 27.30
N GLN B 259 22.80 16.88 27.16
CA GLN B 259 22.05 17.68 26.18
C GLN B 259 22.96 17.88 24.96
N THR B 260 23.18 16.79 24.23
CA THR B 260 24.16 16.75 23.15
C THR B 260 23.75 17.60 21.95
N ASP B 261 22.50 17.45 21.54
CA ASP B 261 22.01 18.07 20.31
C ASP B 261 20.49 17.96 20.26
N PRO B 262 19.78 19.09 20.40
CA PRO B 262 18.31 19.03 20.40
C PRO B 262 17.68 18.83 19.01
N THR B 263 18.47 18.89 17.94
CA THR B 263 17.91 18.69 16.60
C THR B 263 17.30 17.28 16.51
N GLY B 264 16.11 17.22 15.90
CA GLY B 264 15.42 15.95 15.65
C GLY B 264 14.64 15.38 16.82
N VAL B 265 14.65 16.05 17.96
CA VAL B 265 14.02 15.52 19.18
C VAL B 265 12.50 15.52 19.10
N GLY B 266 11.93 16.58 18.50
CA GLY B 266 10.49 16.64 18.28
C GLY B 266 10.04 15.54 17.32
N ASP B 267 10.82 15.34 16.25
CA ASP B 267 10.51 14.27 15.29
C ASP B 267 10.50 12.90 15.96
N ALA B 268 11.48 12.67 16.82
CA ALA B 268 11.62 11.42 17.58
C ALA B 268 10.44 11.19 18.50
N PHE B 269 10.03 12.23 19.21
CA PHE B 269 8.87 12.10 20.07
C PHE B 269 7.64 11.70 19.28
N ARG B 270 7.39 12.39 18.16
CA ARG B 270 6.20 12.11 17.35
C ARG B 270 6.23 10.69 16.86
N ALA B 271 7.38 10.25 16.38
CA ALA B 271 7.52 8.88 15.85
C ALA B 271 7.27 7.84 16.94
N GLY B 272 7.85 8.04 18.12
CA GLY B 272 7.63 7.09 19.22
C GLY B 272 6.18 7.06 19.68
N PHE B 273 5.58 8.24 19.80
CA PHE B 273 4.22 8.36 20.23
C PHE B 273 3.29 7.66 19.24
N LEU B 274 3.50 7.91 17.96
CA LEU B 274 2.59 7.40 16.94
C LEU B 274 2.78 5.91 16.72
N THR B 275 4.01 5.44 16.91
CA THR B 275 4.29 4.02 16.90
C THR B 275 3.50 3.37 18.05
N GLY B 276 3.53 4.00 19.21
CA GLY B 276 2.78 3.50 20.36
C GLY B 276 1.30 3.40 20.05
N ARG B 277 0.74 4.44 19.46
CA ARG B 277 -0.69 4.49 19.18
C ARG B 277 -1.08 3.42 18.18
N SER B 278 -0.25 3.26 17.16
CA SER B 278 -0.53 2.26 16.11
C SER B 278 -0.45 0.84 16.66
N ALA B 279 0.34 0.64 17.72
CA ALA B 279 0.51 -0.67 18.36
C ALA B 279 -0.53 -0.90 19.46
N GLY B 280 -1.45 0.07 19.59
CA GLY B 280 -2.57 -0.06 20.51
C GLY B 280 -2.39 0.46 21.91
N LEU B 281 -1.26 1.14 22.19
CA LEU B 281 -1.05 1.71 23.50
C LEU B 281 -1.93 2.93 23.75
N GLY B 282 -2.27 3.15 25.01
CA GLY B 282 -3.03 4.33 25.40
C GLY B 282 -2.21 5.59 25.25
N LEU B 283 -2.82 6.71 25.60
CA LEU B 283 -2.17 8.02 25.44
C LEU B 283 -0.94 8.17 26.32
N GLU B 284 -1.07 7.87 27.60
CA GLU B 284 0.03 8.01 28.54
C GLU B 284 1.22 7.12 28.14
N ARG B 285 0.93 5.86 27.85
CA ARG B 285 1.98 4.91 27.47
C ARG B 285 2.67 5.29 26.17
N SER B 286 1.88 5.77 25.20
CA SER B 286 2.44 6.24 23.93
C SER B 286 3.37 7.43 24.13
N ALA B 287 2.95 8.35 25.00
CA ALA B 287 3.81 9.50 25.33
C ALA B 287 5.09 9.10 26.07
N GLN B 288 5.00 8.05 26.89
CA GLN B 288 6.15 7.53 27.59
C GLN B 288 7.15 6.93 26.59
N LEU B 289 6.63 6.17 25.63
CA LEU B 289 7.47 5.67 24.55
C LEU B 289 8.09 6.81 23.73
N GLY B 290 7.28 7.82 23.38
CA GLY B 290 7.82 8.95 22.61
C GLY B 290 8.92 9.66 23.37
N SER B 291 8.75 9.76 24.68
CA SER B 291 9.73 10.44 25.51
C SER B 291 11.09 9.72 25.53
N LEU B 292 11.06 8.39 25.50
CA LEU B 292 12.29 7.63 25.40
C LEU B 292 13.00 7.87 24.07
N VAL B 293 12.25 7.77 22.96
CA VAL B 293 12.89 7.99 21.65
C VAL B 293 13.49 9.41 21.62
N ALA B 294 12.76 10.38 22.17
CA ALA B 294 13.21 11.77 22.23
C ALA B 294 14.56 11.91 22.94
N VAL B 295 14.71 11.27 24.10
CA VAL B 295 15.95 11.47 24.85
C VAL B 295 17.13 10.79 24.15
N LEU B 296 16.87 9.68 23.46
CA LEU B 296 17.91 9.00 22.69
C LEU B 296 18.44 9.93 21.60
N VAL B 297 17.55 10.69 20.99
CA VAL B 297 17.97 11.60 19.93
C VAL B 297 18.68 12.82 20.56
N LEU B 298 18.18 13.28 21.72
CA LEU B 298 18.79 14.42 22.42
C LEU B 298 20.24 14.14 22.77
N GLU B 299 20.53 12.86 23.04
CA GLU B 299 21.84 12.39 23.48
C GLU B 299 22.79 12.03 22.33
N SER B 300 22.35 12.30 21.10
CA SER B 300 23.08 11.95 19.89
C SER B 300 23.27 13.18 18.99
N THR B 301 24.40 13.25 18.31
CA THR B 301 24.59 14.30 17.32
C THR B 301 23.97 13.81 16.00
N GLY B 302 23.28 14.71 15.31
CA GLY B 302 22.50 14.34 14.14
C GLY B 302 21.12 13.90 14.59
N THR B 303 20.33 13.40 13.66
CA THR B 303 18.92 13.09 13.94
C THR B 303 18.58 11.61 13.77
N GLN B 304 19.38 10.89 13.01
CA GLN B 304 19.18 9.45 12.74
C GLN B 304 20.41 8.64 13.14
N GLU B 305 21.22 9.18 14.03
CA GLU B 305 22.51 8.60 14.39
C GLU B 305 22.46 7.85 15.73
N TRP B 306 21.26 7.78 16.30
CA TRP B 306 20.99 7.09 17.56
C TRP B 306 20.76 5.59 17.36
N GLN B 307 20.97 4.83 18.44
CA GLN B 307 20.79 3.39 18.44
C GLN B 307 19.57 2.96 19.21
N TRP B 308 19.04 1.80 18.84
CA TRP B 308 17.91 1.20 19.55
C TRP B 308 18.34 -0.11 20.19
N ASP B 309 18.39 -0.11 21.51
CA ASP B 309 18.69 -1.31 22.28
C ASP B 309 17.48 -1.63 23.15
N TYR B 310 16.80 -2.73 22.84
CA TYR B 310 15.57 -3.14 23.52
C TYR B 310 15.70 -3.23 25.04
N GLU B 311 16.74 -3.90 25.53
CA GLU B 311 16.92 -4.05 26.98
C GLU B 311 17.23 -2.72 27.68
N ALA B 312 18.03 -1.87 27.02
CA ALA B 312 18.34 -0.55 27.55
C ALA B 312 17.08 0.31 27.58
N ALA B 313 16.22 0.13 26.58
CA ALA B 313 14.95 0.85 26.50
C ALA B 313 14.03 0.45 27.66
N ALA B 314 13.91 -0.87 27.88
CA ALA B 314 13.12 -1.41 28.98
C ALA B 314 13.59 -0.86 30.33
N SER B 315 14.90 -0.91 30.57
CA SER B 315 15.49 -0.41 31.81
C SER B 315 15.25 1.08 32.01
N ARG B 316 15.41 1.84 30.93
CA ARG B 316 15.35 3.28 31.02
C ARG B 316 13.91 3.76 31.21
N LEU B 317 12.98 3.11 30.50
CA LEU B 317 11.55 3.35 30.74
C LEU B 317 11.15 3.01 32.18
N ALA B 318 11.66 1.89 32.70
CA ALA B 318 11.34 1.51 34.07
C ALA B 318 11.88 2.56 35.04
N GLY B 319 13.09 3.04 34.79
CA GLY B 319 13.67 4.12 35.58
C GLY B 319 12.80 5.36 35.64
N ALA B 320 12.25 5.76 34.51
CA ALA B 320 11.51 7.01 34.43
C ALA B 320 10.05 6.87 34.87
N TYR B 321 9.42 5.76 34.51
CA TYR B 321 7.96 5.66 34.63
C TYR B 321 7.50 4.46 35.46
N GLY B 322 8.46 3.67 35.94
CA GLY B 322 8.15 2.49 36.73
C GLY B 322 8.09 1.20 35.91
N GLU B 323 8.31 0.07 36.60
CA GLU B 323 8.29 -1.24 35.96
C GLU B 323 6.99 -1.63 35.29
N HIS B 324 5.86 -1.26 35.91
CA HIS B 324 4.55 -1.57 35.32
C HIS B 324 4.38 -0.89 33.95
N ALA B 325 4.63 0.43 33.91
CA ALA B 325 4.56 1.18 32.66
C ALA B 325 5.52 0.61 31.62
N ALA B 326 6.76 0.36 32.04
CA ALA B 326 7.74 -0.21 31.12
C ALA B 326 7.30 -1.55 30.54
N ALA B 327 6.76 -2.43 31.38
CA ALA B 327 6.27 -3.74 30.91
C ALA B 327 5.21 -3.60 29.82
N GLU B 328 4.26 -2.68 30.02
CA GLU B 328 3.18 -2.50 29.05
C GLU B 328 3.70 -1.92 27.74
N ILE B 329 4.71 -1.06 27.83
CA ILE B 329 5.27 -0.43 26.63
C ILE B 329 6.08 -1.44 25.82
N VAL B 330 7.02 -2.12 26.46
CA VAL B 330 7.90 -3.03 25.74
C VAL B 330 7.18 -4.28 25.22
N ALA B 331 6.01 -4.57 25.76
CA ALA B 331 5.15 -5.68 25.32
C ALA B 331 4.80 -5.59 23.84
N VAL B 332 4.76 -4.36 23.31
CA VAL B 332 4.44 -4.15 21.89
C VAL B 332 5.70 -3.90 21.04
N LEU B 333 6.87 -3.97 21.68
CA LEU B 333 8.15 -3.71 21.00
C LEU B 333 9.05 -4.94 20.90
N ALA B 334 10.20 -4.76 20.24
CA ALA B 334 11.20 -5.83 20.08
C ALA B 334 12.61 -5.25 20.02
#